data_7PGN
#
_entry.id   7PGN
#
_cell.length_a   100.560
_cell.length_b   100.560
_cell.length_c   311.880
_cell.angle_alpha   90.00
_cell.angle_beta   90.00
_cell.angle_gamma   120.00
#
_symmetry.space_group_name_H-M   'P 31 2 1'
#
loop_
_entity.id
_entity.type
_entity.pdbx_description
1 polymer 'Hedgehog-interacting protein'
2 branched 1,3,4,6-tetra-O-sulfo-beta-D-fructofuranose-(2-1)-2,3,4,6-tetra-O-sulfonato-alpha-D-glucopyranose
3 non-polymer 'CALCIUM ION'
4 non-polymer GLYCEROL
5 water water
#
_entity_poly.entity_id   1
_entity_poly.type   'polypeptide(L)'
_entity_poly.pdbx_seq_one_letter_code
;ETGKHNCFCIQEVVSGLRQPVGALHSGDGSQRLFILEKEGYVKILTPEGEIFKEPYLDIHKLVQSGIKGGDERGLLSLAF
HPNYKKNGKLYVSYTTNQERWAIGPHDHILRVVEYTVSRKNPHQVDLRTARVFLEVAELHRKHLGGQLLFGPDGFLYIIL
GDGMITLDDMEEMDGLSDFTGSVLRLDVDTDMCNVPYSIPRSNPHFNSTNQPPEVFAHGLHDPGRCAVDRHPTDININLT
ILCSDSNGKNRSSARILQIIKGKDYESEPSLLEFKPFSNGPLVGGFVYRGCQSERLYGSYVFGDRNGNFLTLQQSPVTKQ
WQEKPLCLGTSGSCRGYFSGHILGFGEDELGEVYILSSSKSMTQTHNGKLYKIVDPKRPLMPEECRATVQPAQTLTSECS
RLCRNGYCTPTGKCCCSPGWEGDFCRTAKCEPACRHGGVCVRPNKCLCKKGYLGPQCEQVDGTKHHHHHH
;
_entity_poly.pdbx_strand_id   A,B
#
# COMPACT_ATOMS: atom_id res chain seq x y z
N LYS A 4 7.34 -16.21 -17.02
CA LYS A 4 7.78 -15.19 -16.08
C LYS A 4 7.24 -15.45 -14.67
N HIS A 5 7.61 -16.61 -14.13
CA HIS A 5 7.29 -17.03 -12.77
C HIS A 5 8.41 -16.72 -11.77
N ASN A 6 9.57 -16.27 -12.23
CA ASN A 6 10.71 -15.99 -11.35
C ASN A 6 10.76 -14.54 -10.89
N CYS A 7 9.75 -13.74 -11.20
CA CYS A 7 9.85 -12.32 -10.93
C CYS A 7 9.68 -12.04 -9.46
N PHE A 8 10.16 -10.88 -9.05
CA PHE A 8 9.86 -10.33 -7.75
C PHE A 8 8.79 -9.25 -7.91
N CYS A 9 8.40 -8.63 -6.82
CA CYS A 9 7.38 -7.60 -6.93
C CYS A 9 7.58 -6.59 -5.81
N ILE A 10 6.88 -5.47 -5.93
CA ILE A 10 7.16 -4.27 -5.14
C ILE A 10 5.92 -3.91 -4.38
N GLN A 11 6.07 -3.65 -3.10
CA GLN A 11 4.96 -3.32 -2.20
C GLN A 11 5.16 -1.93 -1.62
N GLU A 12 4.22 -1.02 -1.83
CA GLU A 12 4.34 0.29 -1.21
C GLU A 12 4.17 0.20 0.28
N VAL A 13 5.10 0.79 1.03
CA VAL A 13 5.09 0.76 2.48
C VAL A 13 4.64 2.09 3.06
N VAL A 14 5.18 3.22 2.57
CA VAL A 14 4.75 4.56 3.00
C VAL A 14 5.02 5.51 1.87
N SER A 15 4.25 6.61 1.88
CA SER A 15 4.41 7.67 0.93
C SER A 15 4.49 8.97 1.72
N GLY A 16 4.38 10.12 1.07
CA GLY A 16 4.51 11.36 1.81
C GLY A 16 5.92 11.76 2.19
N LEU A 17 6.95 11.08 1.68
CA LEU A 17 8.34 11.47 1.94
C LEU A 17 8.78 12.60 1.00
N ARG A 18 9.77 13.36 1.45
CA ARG A 18 10.35 14.48 0.69
C ARG A 18 11.77 14.10 0.27
N GLN A 19 11.94 13.76 -1.00
CA GLN A 19 13.23 13.39 -1.58
C GLN A 19 13.99 12.41 -0.70
N PRO A 20 13.45 11.21 -0.46
CA PRO A 20 14.16 10.24 0.39
C PRO A 20 15.36 9.69 -0.34
N VAL A 21 16.48 9.51 0.37
CA VAL A 21 17.70 9.05 -0.26
C VAL A 21 18.20 7.72 0.27
N GLY A 22 17.67 7.23 1.39
CA GLY A 22 18.04 5.88 1.82
C GLY A 22 17.32 5.55 3.11
N ALA A 23 17.56 4.33 3.59
CA ALA A 23 16.87 3.93 4.82
C ALA A 23 17.63 2.79 5.44
N LEU A 24 17.73 2.80 6.77
CA LEU A 24 18.45 1.72 7.43
C LEU A 24 17.97 1.58 8.86
N HIS A 25 18.34 0.46 9.49
CA HIS A 25 17.99 0.18 10.88
C HIS A 25 19.18 0.49 11.79
N SER A 26 18.93 0.48 13.10
CA SER A 26 19.94 0.81 14.10
C SER A 26 20.46 -0.39 14.86
N GLY A 27 20.09 -1.60 14.48
CA GLY A 27 20.61 -2.80 15.12
C GLY A 27 20.34 -2.98 16.60
N ASP A 28 19.28 -2.38 17.14
CA ASP A 28 19.02 -2.46 18.57
C ASP A 28 17.90 -3.43 18.94
N GLY A 29 17.34 -4.15 17.96
CA GLY A 29 16.22 -5.03 18.21
C GLY A 29 14.87 -4.38 18.07
N SER A 30 14.82 -3.06 17.89
CA SER A 30 13.57 -2.32 17.88
C SER A 30 12.87 -2.36 16.52
N GLN A 31 13.56 -2.79 15.45
CA GLN A 31 13.01 -2.89 14.10
C GLN A 31 12.45 -1.55 13.63
N ARG A 32 13.02 -0.47 14.13
CA ARG A 32 12.76 0.83 13.53
C ARG A 32 13.50 0.96 12.19
N LEU A 33 12.90 1.69 11.28
CA LEU A 33 13.57 1.99 10.02
C LEU A 33 13.73 3.50 9.95
N PHE A 34 14.95 3.94 9.67
CA PHE A 34 15.31 5.35 9.64
C PHE A 34 15.40 5.78 8.19
N ILE A 35 14.54 6.70 7.80
CA ILE A 35 14.44 7.17 6.43
C ILE A 35 15.12 8.51 6.34
N LEU A 36 16.10 8.61 5.44
CA LEU A 36 16.86 9.84 5.23
C LEU A 36 16.18 10.69 4.17
N GLU A 37 15.99 11.97 4.47
CA GLU A 37 15.46 12.93 3.50
C GLU A 37 16.51 14.00 3.18
N LYS A 38 16.69 14.24 1.87
CA LYS A 38 17.82 14.99 1.30
C LYS A 38 18.01 16.38 1.93
N GLU A 39 16.93 17.10 2.22
CA GLU A 39 17.05 18.46 2.75
C GLU A 39 17.61 18.47 4.17
N GLY A 40 17.73 17.31 4.81
CA GLY A 40 18.38 17.19 6.09
C GLY A 40 17.50 16.69 7.21
N TYR A 41 16.71 15.65 6.97
CA TYR A 41 15.87 15.09 8.02
C TYR A 41 16.09 13.60 8.11
N VAL A 42 15.86 13.02 9.30
CA VAL A 42 15.77 11.57 9.44
C VAL A 42 14.48 11.26 10.18
N LYS A 43 13.60 10.51 9.52
CA LYS A 43 12.30 10.14 10.06
C LYS A 43 12.32 8.67 10.49
N ILE A 44 11.52 8.35 11.50
CA ILE A 44 11.42 6.98 12.00
C ILE A 44 10.12 6.37 11.49
N LEU A 45 10.23 5.18 10.89
CA LEU A 45 9.13 4.29 10.54
C LEU A 45 9.12 3.13 11.52
N THR A 46 8.03 3.02 12.29
CA THR A 46 7.89 1.92 13.25
C THR A 46 7.60 0.62 12.51
N PRO A 47 7.83 -0.52 13.15
CA PRO A 47 7.46 -1.79 12.52
C PRO A 47 5.94 -1.96 12.37
N GLU A 48 5.13 -1.18 13.07
CA GLU A 48 3.70 -1.20 12.79
C GLU A 48 3.31 -0.32 11.61
N GLY A 49 4.24 0.45 11.05
CA GLY A 49 4.02 1.27 9.87
C GLY A 49 3.70 2.74 10.09
N GLU A 50 3.87 3.27 11.30
CA GLU A 50 3.71 4.70 11.55
C GLU A 50 5.02 5.45 11.33
N ILE A 51 4.92 6.65 10.77
CA ILE A 51 6.00 7.62 10.73
C ILE A 51 5.80 8.57 11.91
N PHE A 52 6.82 8.68 12.77
CA PHE A 52 6.73 9.58 13.91
C PHE A 52 6.65 11.02 13.43
N LYS A 53 5.84 11.82 14.10
CA LYS A 53 5.76 13.23 13.74
C LYS A 53 7.11 13.92 13.92
N GLU A 54 7.75 13.75 15.10
CA GLU A 54 9.02 14.44 15.30
C GLU A 54 10.12 13.70 14.58
N PRO A 55 10.89 14.37 13.73
CA PRO A 55 12.04 13.72 13.09
C PRO A 55 13.00 13.20 14.15
N TYR A 56 13.65 12.09 13.84
CA TYR A 56 14.74 11.61 14.68
C TYR A 56 15.90 12.61 14.67
N LEU A 57 16.14 13.24 13.53
CA LEU A 57 17.22 14.21 13.37
C LEU A 57 16.76 15.29 12.40
N ASP A 58 16.90 16.54 12.81
CA ASP A 58 16.56 17.70 11.98
C ASP A 58 17.80 18.57 11.92
N ILE A 59 18.49 18.54 10.78
CA ILE A 59 19.64 19.41 10.58
C ILE A 59 19.46 20.22 9.31
N HIS A 60 18.22 20.53 8.95
CA HIS A 60 17.99 21.19 7.68
C HIS A 60 18.59 22.60 7.64
N LYS A 61 18.81 23.23 8.80
CA LYS A 61 19.46 24.55 8.76
C LYS A 61 20.97 24.43 8.61
N LEU A 62 21.59 23.35 9.10
CA LEU A 62 23.00 23.09 8.86
C LEU A 62 23.28 22.58 7.44
N VAL A 63 22.29 22.00 6.77
CA VAL A 63 22.48 21.31 5.50
C VAL A 63 22.22 22.25 4.33
N GLN A 64 23.12 22.24 3.35
CA GLN A 64 22.94 22.94 2.09
C GLN A 64 22.55 21.90 1.03
N SER A 65 21.31 21.99 0.53
CA SER A 65 20.76 21.05 -0.44
C SER A 65 20.43 21.77 -1.74
N GLY A 66 20.27 20.99 -2.81
CA GLY A 66 20.11 21.54 -4.15
C GLY A 66 18.72 21.29 -4.72
N ILE A 67 18.18 22.31 -5.39
CA ILE A 67 16.85 22.19 -5.97
C ILE A 67 16.88 21.35 -7.25
N LYS A 68 17.84 21.60 -8.14
CA LYS A 68 17.98 20.75 -9.32
C LYS A 68 18.26 19.32 -8.90
N GLY A 69 17.93 18.38 -9.78
CA GLY A 69 18.08 16.97 -9.49
C GLY A 69 19.51 16.49 -9.56
N GLY A 70 20.29 17.00 -10.51
CA GLY A 70 21.68 16.61 -10.60
C GLY A 70 22.56 17.17 -9.52
N ASP A 71 22.06 18.16 -8.78
CA ASP A 71 22.76 18.76 -7.65
C ASP A 71 22.72 17.77 -6.48
N GLU A 72 23.84 17.11 -6.20
CA GLU A 72 23.90 16.09 -5.15
C GLU A 72 24.00 16.66 -3.74
N ARG A 73 24.02 17.98 -3.57
CA ARG A 73 24.16 18.53 -2.22
C ARG A 73 22.97 18.22 -1.34
N GLY A 74 23.26 17.90 -0.08
CA GLY A 74 22.25 17.65 0.93
C GLY A 74 22.77 16.63 1.94
N LEU A 75 21.83 15.95 2.59
CA LEU A 75 22.17 14.84 3.47
C LEU A 75 22.52 13.63 2.61
N LEU A 76 23.66 13.00 2.88
CA LEU A 76 24.20 11.98 1.99
C LEU A 76 24.09 10.55 2.50
N SER A 77 24.29 10.32 3.80
CA SER A 77 24.39 8.96 4.31
C SER A 77 24.29 9.00 5.82
N LEU A 78 24.03 7.83 6.41
CA LEU A 78 23.91 7.71 7.86
C LEU A 78 24.34 6.30 8.22
N ALA A 79 25.08 6.17 9.32
CA ALA A 79 25.46 4.87 9.81
C ALA A 79 25.32 4.86 11.33
N PHE A 80 24.75 3.78 11.85
CA PHE A 80 24.70 3.55 13.28
C PHE A 80 25.91 2.75 13.74
N HIS A 81 26.42 3.09 14.90
CA HIS A 81 27.51 2.33 15.47
C HIS A 81 27.06 0.89 15.73
N PRO A 82 27.94 -0.10 15.49
CA PRO A 82 27.57 -1.50 15.77
C PRO A 82 27.03 -1.74 17.16
N ASN A 83 27.39 -0.91 18.14
CA ASN A 83 26.90 -1.05 19.51
C ASN A 83 26.00 0.12 19.91
N TYR A 84 25.27 0.69 18.95
CA TYR A 84 24.35 1.79 19.22
C TYR A 84 23.39 1.47 20.38
N LYS A 85 22.95 0.21 20.50
CA LYS A 85 22.06 -0.19 21.59
C LYS A 85 22.60 0.20 22.96
N LYS A 86 23.91 0.28 23.11
CA LYS A 86 24.49 0.65 24.39
C LYS A 86 25.12 2.03 24.42
N ASN A 87 25.70 2.53 23.32
CA ASN A 87 26.37 3.83 23.33
C ASN A 87 25.63 4.91 22.57
N GLY A 88 24.60 4.57 21.80
CA GLY A 88 23.81 5.60 21.17
C GLY A 88 24.51 6.44 20.12
N LYS A 89 25.60 5.92 19.53
CA LYS A 89 26.41 6.67 18.56
C LYS A 89 25.96 6.44 17.14
N LEU A 90 25.91 7.54 16.37
CA LEU A 90 25.54 7.48 14.96
C LEU A 90 26.43 8.46 14.22
N TYR A 91 26.52 8.28 12.90
CA TYR A 91 27.40 9.10 12.07
C TYR A 91 26.63 9.52 10.83
N VAL A 92 26.70 10.80 10.48
CA VAL A 92 26.04 11.27 9.27
C VAL A 92 27.05 12.07 8.44
N SER A 93 26.86 12.03 7.11
CA SER A 93 27.60 12.86 6.18
C SER A 93 26.64 13.77 5.45
N TYR A 94 27.00 15.05 5.29
CA TYR A 94 26.15 16.00 4.60
C TYR A 94 26.99 17.17 4.07
N THR A 95 26.40 17.94 3.16
CA THR A 95 27.06 19.11 2.62
C THR A 95 26.53 20.38 3.29
N THR A 96 27.42 21.35 3.45
CA THR A 96 27.14 22.57 4.19
C THR A 96 28.05 23.67 3.66
N ASN A 97 27.73 24.90 4.04
CA ASN A 97 28.47 26.08 3.59
C ASN A 97 29.57 26.46 4.58
N GLN A 98 30.57 27.16 4.04
CA GLN A 98 31.70 27.67 4.82
C GLN A 98 31.50 29.15 5.13
N HIS A 106 35.81 25.80 -1.76
CA HIS A 106 35.16 27.09 -1.94
C HIS A 106 33.66 26.97 -2.15
N ASP A 107 33.19 26.04 -2.98
CA ASP A 107 31.75 25.93 -3.20
C ASP A 107 31.04 25.40 -1.97
N HIS A 108 31.53 24.30 -1.39
CA HIS A 108 30.92 23.83 -0.14
C HIS A 108 31.85 22.85 0.54
N ILE A 109 31.41 22.35 1.71
CA ILE A 109 32.17 21.42 2.53
C ILE A 109 31.31 20.19 2.77
N LEU A 110 31.92 19.00 2.62
CA LEU A 110 31.30 17.72 2.93
C LEU A 110 31.76 17.28 4.32
N ARG A 111 30.84 17.30 5.28
CA ARG A 111 31.10 16.96 6.67
C ARG A 111 30.72 15.52 6.97
N VAL A 112 31.57 14.87 7.75
CA VAL A 112 31.23 13.61 8.44
C VAL A 112 31.27 13.91 9.93
N VAL A 113 30.12 13.72 10.60
CA VAL A 113 29.86 14.18 11.96
C VAL A 113 29.28 13.04 12.78
N GLU A 114 29.76 12.90 14.01
CA GLU A 114 29.16 11.97 14.96
C GLU A 114 28.09 12.67 15.80
N TYR A 115 26.99 11.96 16.05
CA TYR A 115 25.94 12.40 16.95
C TYR A 115 25.69 11.30 17.97
N THR A 116 25.10 11.70 19.11
CA THR A 116 24.61 10.76 20.11
C THR A 116 23.11 10.98 20.33
N VAL A 117 22.36 9.88 20.41
CA VAL A 117 20.93 9.97 20.70
C VAL A 117 20.73 10.60 22.07
N SER A 118 19.60 11.28 22.23
CA SER A 118 19.36 11.96 23.50
C SER A 118 19.16 10.95 24.62
N ARG A 119 19.51 11.36 25.83
CA ARG A 119 19.38 10.49 26.99
C ARG A 119 17.94 10.28 27.38
N LYS A 120 17.10 11.30 27.23
CA LYS A 120 15.70 11.27 27.65
C LYS A 120 14.78 10.61 26.64
N ASN A 121 15.10 10.72 25.36
CA ASN A 121 14.16 10.32 24.31
C ASN A 121 14.91 9.46 23.30
N PRO A 122 14.70 8.14 23.29
CA PRO A 122 15.39 7.29 22.31
C PRO A 122 15.00 7.54 20.86
N HIS A 123 14.02 8.40 20.59
CA HIS A 123 13.57 8.66 19.23
C HIS A 123 14.03 10.02 18.72
N GLN A 124 14.87 10.72 19.48
CA GLN A 124 15.45 11.99 19.03
C GLN A 124 16.93 12.09 19.34
N VAL A 125 17.71 12.53 18.35
CA VAL A 125 19.12 12.83 18.54
C VAL A 125 19.26 14.13 19.32
N ASP A 126 20.25 14.16 20.23
CA ASP A 126 20.65 15.38 20.93
C ASP A 126 21.54 16.19 20.00
N LEU A 127 21.02 17.31 19.49
CA LEU A 127 21.75 18.12 18.51
C LEU A 127 23.03 18.73 19.08
N ARG A 128 23.11 18.89 20.40
CA ARG A 128 24.30 19.46 21.05
C ARG A 128 25.51 18.54 20.98
N THR A 129 25.33 17.25 20.69
CA THR A 129 26.39 16.27 20.74
C THR A 129 27.15 16.14 19.42
N ALA A 130 27.01 17.10 18.51
CA ALA A 130 27.73 17.04 17.25
C ALA A 130 29.23 17.05 17.49
N ARG A 131 29.93 16.18 16.77
CA ARG A 131 31.37 16.00 16.94
C ARG A 131 31.93 15.76 15.55
N VAL A 132 32.54 16.79 14.97
CA VAL A 132 32.94 16.73 13.57
C VAL A 132 34.14 15.81 13.43
N PHE A 133 34.05 14.87 12.49
CA PHE A 133 35.16 13.99 12.16
C PHE A 133 35.93 14.45 10.94
N LEU A 134 35.23 14.85 9.87
CA LEU A 134 35.95 15.25 8.66
C LEU A 134 35.23 16.41 8.00
N GLU A 135 36.02 17.27 7.38
CA GLU A 135 35.52 18.35 6.53
C GLU A 135 36.30 18.29 5.22
N VAL A 136 35.62 17.95 4.13
CA VAL A 136 36.22 17.77 2.82
C VAL A 136 35.79 18.92 1.93
N ALA A 137 36.75 19.72 1.47
CA ALA A 137 36.45 20.82 0.57
C ALA A 137 35.84 20.27 -0.73
N GLU A 138 34.92 21.02 -1.30
CA GLU A 138 34.27 20.63 -2.54
C GLU A 138 34.14 21.84 -3.44
N LEU A 139 34.55 21.66 -4.69
CA LEU A 139 34.45 22.67 -5.74
C LEU A 139 33.20 22.51 -6.59
N HIS A 140 32.65 21.30 -6.70
CA HIS A 140 31.52 21.08 -7.59
C HIS A 140 30.40 20.38 -6.83
N ARG A 141 29.27 20.16 -7.50
CA ARG A 141 28.08 19.63 -6.85
C ARG A 141 27.70 18.25 -7.35
N LYS A 142 28.63 17.56 -8.02
CA LYS A 142 28.42 16.20 -8.49
C LYS A 142 29.61 15.35 -8.09
N HIS A 143 29.44 14.02 -8.23
CA HIS A 143 30.49 13.05 -7.90
C HIS A 143 30.92 13.14 -6.42
N LEU A 144 29.96 13.40 -5.54
CA LEU A 144 30.29 13.59 -4.13
C LEU A 144 30.48 12.27 -3.41
N GLY A 145 29.54 11.34 -3.55
CA GLY A 145 29.53 10.16 -2.72
C GLY A 145 29.02 10.50 -1.33
N GLY A 146 29.64 9.92 -0.31
CA GLY A 146 29.26 10.18 1.07
C GLY A 146 28.85 8.95 1.84
N GLN A 147 28.73 7.78 1.20
CA GLN A 147 28.21 6.61 1.88
C GLN A 147 29.03 6.31 3.11
N LEU A 148 28.36 6.12 4.24
CA LEU A 148 28.96 5.67 5.49
C LEU A 148 28.52 4.24 5.74
N LEU A 149 29.41 3.40 6.23
CA LEU A 149 29.06 2.03 6.58
C LEU A 149 30.11 1.48 7.51
N PHE A 150 29.71 0.48 8.29
CA PHE A 150 30.63 -0.26 9.13
C PHE A 150 30.84 -1.65 8.55
N GLY A 151 32.07 -2.13 8.62
CA GLY A 151 32.38 -3.46 8.16
C GLY A 151 32.36 -4.43 9.31
N PRO A 152 32.46 -5.72 9.00
CA PRO A 152 32.61 -6.73 10.06
C PRO A 152 33.78 -6.45 10.99
N ASP A 153 34.82 -5.78 10.50
CA ASP A 153 35.94 -5.41 11.34
C ASP A 153 35.56 -4.40 12.41
N GLY A 154 34.43 -3.72 12.26
CA GLY A 154 34.04 -2.70 13.21
C GLY A 154 34.54 -1.32 12.88
N PHE A 155 35.25 -1.17 11.77
CA PHE A 155 35.73 0.13 11.35
C PHE A 155 34.67 0.84 10.52
N LEU A 156 34.80 2.15 10.44
CA LEU A 156 33.88 3.00 9.71
C LEU A 156 34.48 3.29 8.33
N TYR A 157 33.81 2.84 7.28
CA TYR A 157 34.24 3.10 5.91
C TYR A 157 33.51 4.32 5.37
N ILE A 158 34.21 5.12 4.56
CA ILE A 158 33.63 6.33 3.97
C ILE A 158 33.99 6.34 2.49
N ILE A 159 32.99 6.34 1.62
CA ILE A 159 33.17 6.27 0.17
C ILE A 159 33.01 7.68 -0.38
N LEU A 160 34.07 8.27 -0.88
CA LEU A 160 34.04 9.61 -1.46
C LEU A 160 34.30 9.53 -2.95
N GLY A 161 33.44 10.20 -3.72
CA GLY A 161 33.68 10.38 -5.14
C GLY A 161 34.74 11.44 -5.42
N ASP A 162 35.06 11.62 -6.71
CA ASP A 162 36.16 12.51 -7.09
C ASP A 162 35.76 13.98 -7.07
N GLY A 163 34.49 14.28 -6.85
CA GLY A 163 34.03 15.66 -6.76
C GLY A 163 34.19 16.45 -8.05
N MET A 164 34.48 15.75 -9.15
CA MET A 164 34.81 16.38 -10.44
C MET A 164 36.01 17.30 -10.33
N ILE A 165 36.91 17.03 -9.39
CA ILE A 165 38.06 17.88 -9.13
C ILE A 165 39.17 17.49 -10.09
N THR A 166 39.64 18.43 -10.89
CA THR A 166 40.66 18.16 -11.88
C THR A 166 42.06 18.28 -11.27
N LEU A 167 43.06 17.82 -12.03
CA LEU A 167 44.45 17.94 -11.59
C LEU A 167 44.83 19.41 -11.43
N ASP A 168 44.40 20.25 -12.37
CA ASP A 168 44.71 21.67 -12.30
C ASP A 168 44.04 22.33 -11.11
N ASP A 169 42.81 21.92 -10.80
CA ASP A 169 42.11 22.46 -9.63
C ASP A 169 42.88 22.18 -8.35
N MET A 170 43.43 20.97 -8.22
CA MET A 170 44.05 20.58 -6.95
C MET A 170 45.46 21.13 -6.83
N GLU A 171 46.24 21.07 -7.92
CA GLU A 171 47.58 21.63 -7.89
C GLU A 171 47.53 23.14 -7.65
N GLU A 172 46.57 23.83 -8.27
CA GLU A 172 46.46 25.27 -8.11
C GLU A 172 45.95 25.62 -6.71
N MET A 173 44.80 25.08 -6.33
CA MET A 173 44.14 25.46 -5.09
C MET A 173 44.64 24.52 -3.98
N ASP A 174 45.35 25.07 -3.01
CA ASP A 174 45.73 24.28 -1.85
C ASP A 174 44.55 24.21 -0.89
N GLY A 175 44.66 23.32 0.09
CA GLY A 175 43.63 23.18 1.07
C GLY A 175 42.50 22.26 0.65
N LEU A 176 42.56 21.75 -0.58
CA LEU A 176 41.70 20.64 -0.97
C LEU A 176 42.12 19.42 -0.15
N SER A 177 41.15 18.60 0.20
CA SER A 177 41.35 17.63 1.28
C SER A 177 42.35 16.53 0.93
N ASP A 178 42.33 16.04 -0.31
CA ASP A 178 43.07 14.89 -0.84
C ASP A 178 42.33 13.60 -0.51
N PHE A 179 41.18 13.68 0.16
CA PHE A 179 40.39 12.49 0.45
C PHE A 179 39.47 12.12 -0.70
N THR A 180 39.15 13.08 -1.56
CA THR A 180 38.18 12.85 -2.62
C THR A 180 38.67 11.75 -3.56
N GLY A 181 37.74 10.90 -3.97
CA GLY A 181 38.06 9.77 -4.80
C GLY A 181 38.50 8.54 -4.05
N SER A 182 38.21 8.46 -2.76
CA SER A 182 38.83 7.44 -1.92
C SER A 182 37.82 6.74 -1.02
N VAL A 183 38.16 5.52 -0.67
CA VAL A 183 37.53 4.80 0.43
C VAL A 183 38.46 5.00 1.63
N LEU A 184 37.94 5.72 2.63
CA LEU A 184 38.58 5.93 3.90
C LEU A 184 38.14 4.86 4.88
N ARG A 185 39.05 4.46 5.77
CA ARG A 185 38.72 3.51 6.82
C ARG A 185 39.22 4.03 8.15
N LEU A 186 38.29 4.30 9.07
CA LEU A 186 38.61 4.84 10.38
C LEU A 186 38.30 3.85 11.49
N ASP A 187 39.04 3.96 12.59
CA ASP A 187 38.73 3.26 13.83
C ASP A 187 38.15 4.31 14.77
N VAL A 188 36.81 4.27 14.95
CA VAL A 188 36.16 5.23 15.84
C VAL A 188 36.18 4.80 17.30
N ASP A 189 36.59 3.56 17.59
CA ASP A 189 36.62 3.06 18.96
C ASP A 189 37.97 3.35 19.60
N THR A 190 38.19 4.63 19.87
CA THR A 190 39.42 5.09 20.47
C THR A 190 39.17 5.57 21.89
N ASP A 191 40.16 5.35 22.75
CA ASP A 191 40.22 5.97 24.07
C ASP A 191 41.01 7.26 24.07
N MET A 192 41.57 7.65 22.91
CA MET A 192 42.36 8.87 22.82
C MET A 192 41.44 10.07 22.69
N CYS A 193 41.76 11.14 23.42
CA CYS A 193 40.98 12.35 23.40
C CYS A 193 41.55 13.44 22.51
N ASN A 194 42.79 13.33 22.04
CA ASN A 194 43.34 14.37 21.18
C ASN A 194 42.75 14.35 19.78
N VAL A 195 42.17 13.23 19.34
CA VAL A 195 41.62 13.17 17.98
C VAL A 195 40.27 12.47 18.00
N PRO A 196 39.41 12.80 17.03
CA PRO A 196 38.07 12.19 16.99
C PRO A 196 38.06 10.72 16.62
N TYR A 197 39.13 10.22 16.01
CA TYR A 197 39.22 8.83 15.61
C TYR A 197 40.70 8.48 15.54
N SER A 198 40.99 7.18 15.56
CA SER A 198 42.33 6.67 15.36
C SER A 198 42.39 5.89 14.06
N ILE A 199 43.60 5.63 13.60
CA ILE A 199 43.84 4.99 12.30
C ILE A 199 44.05 3.50 12.54
N PRO A 200 43.34 2.63 11.83
CA PRO A 200 43.59 1.19 11.97
C PRO A 200 45.00 0.83 11.54
N ARG A 201 45.65 -0.03 12.31
CA ARG A 201 47.02 -0.44 11.98
C ARG A 201 47.06 -1.28 10.70
N SER A 202 45.95 -1.97 10.39
CA SER A 202 45.82 -2.71 9.15
C SER A 202 45.80 -1.82 7.92
N ASN A 203 45.68 -0.50 8.10
CA ASN A 203 45.52 0.41 6.98
C ASN A 203 46.79 0.45 6.15
N PRO A 204 46.67 0.59 4.83
CA PRO A 204 47.83 0.41 3.95
C PRO A 204 48.86 1.54 4.07
N HIS A 205 48.43 2.75 4.41
CA HIS A 205 49.31 3.90 4.56
C HIS A 205 49.42 4.34 6.02
N PHE A 206 49.24 3.39 6.93
CA PHE A 206 49.39 3.62 8.36
C PHE A 206 50.82 4.06 8.67
N ASN A 207 50.93 5.20 9.38
CA ASN A 207 52.23 5.80 9.72
C ASN A 207 53.09 6.00 8.48
N SER A 208 52.44 6.43 7.39
CA SER A 208 53.10 6.65 6.11
C SER A 208 52.85 8.10 5.69
N THR A 209 53.92 8.88 5.58
CA THR A 209 53.80 10.31 5.27
C THR A 209 53.39 10.56 3.82
N ASN A 210 53.58 9.59 2.93
CA ASN A 210 53.35 9.82 1.51
C ASN A 210 51.87 10.03 1.19
N GLN A 211 50.99 9.24 1.77
CA GLN A 211 49.57 9.31 1.49
C GLN A 211 48.81 9.42 2.81
N PRO A 212 47.62 10.03 2.81
CA PRO A 212 46.83 10.13 4.06
C PRO A 212 46.57 8.76 4.67
N PRO A 213 46.78 8.61 5.98
CA PRO A 213 46.58 7.29 6.61
C PRO A 213 45.14 6.83 6.58
N GLU A 214 44.18 7.76 6.46
CA GLU A 214 42.78 7.36 6.40
C GLU A 214 42.48 6.57 5.14
N VAL A 215 43.25 6.76 4.08
CA VAL A 215 42.89 6.19 2.79
C VAL A 215 43.15 4.69 2.80
N PHE A 216 42.10 3.93 2.50
CA PHE A 216 42.08 2.48 2.40
C PHE A 216 42.18 2.04 0.95
N ALA A 217 41.54 2.78 0.05
CA ALA A 217 41.70 2.57 -1.39
C ALA A 217 41.32 3.88 -2.06
N HIS A 218 41.64 4.00 -3.34
CA HIS A 218 41.36 5.24 -4.06
C HIS A 218 41.17 4.96 -5.54
N GLY A 219 40.97 6.03 -6.32
CA GLY A 219 40.66 5.91 -7.73
C GLY A 219 39.20 5.88 -8.09
N LEU A 220 38.29 6.16 -7.15
CA LEU A 220 36.87 6.19 -7.45
C LEU A 220 36.49 7.51 -8.11
N HIS A 221 35.50 7.46 -8.99
CA HIS A 221 35.06 8.64 -9.72
C HIS A 221 33.66 9.08 -9.32
N ASP A 222 32.63 8.34 -9.71
CA ASP A 222 31.25 8.68 -9.40
C ASP A 222 30.59 7.40 -8.88
N PRO A 223 30.81 7.06 -7.63
CA PRO A 223 30.29 5.78 -7.10
C PRO A 223 28.82 5.87 -6.71
N GLY A 224 28.11 4.77 -6.92
CA GLY A 224 26.76 4.61 -6.43
C GLY A 224 26.77 4.13 -4.98
N ARG A 225 25.59 3.75 -4.50
CA ARG A 225 25.52 3.04 -3.23
C ARG A 225 26.17 1.66 -3.42
N CYS A 226 27.14 1.37 -2.57
CA CYS A 226 27.90 0.13 -2.66
C CYS A 226 27.22 -0.95 -1.84
N ALA A 227 27.34 -2.17 -2.33
CA ALA A 227 26.87 -3.37 -1.63
C ALA A 227 27.93 -3.89 -0.68
N VAL A 228 27.52 -4.15 0.56
CA VAL A 228 28.40 -4.64 1.61
C VAL A 228 27.95 -6.03 2.04
N ASP A 229 28.85 -7.00 1.97
CA ASP A 229 28.54 -8.38 2.33
C ASP A 229 29.06 -8.66 3.74
N ARG A 230 28.22 -9.27 4.58
CA ARG A 230 28.62 -9.64 5.94
C ARG A 230 29.00 -11.11 6.11
N HIS A 231 28.43 -12.01 5.32
CA HIS A 231 28.54 -13.45 5.51
C HIS A 231 27.94 -13.85 6.84
N ASN A 236 32.52 -16.24 4.47
CA ASN A 236 32.83 -15.86 5.84
C ASN A 236 34.28 -15.37 6.00
N ILE A 237 34.90 -14.95 4.91
CA ILE A 237 36.30 -14.51 4.91
C ILE A 237 36.34 -13.02 4.60
N ASN A 238 37.03 -12.27 5.47
CA ASN A 238 37.32 -10.83 5.33
C ASN A 238 36.02 -10.10 5.01
N LEU A 239 36.00 -9.22 4.01
CA LEU A 239 34.90 -8.31 3.75
C LEU A 239 34.83 -8.04 2.26
N THR A 240 33.62 -7.97 1.72
CA THR A 240 33.42 -7.70 0.31
C THR A 240 32.53 -6.47 0.17
N ILE A 241 33.02 -5.50 -0.61
CA ILE A 241 32.35 -4.25 -0.91
C ILE A 241 32.40 -4.10 -2.44
N LEU A 242 31.23 -4.09 -3.07
CA LEU A 242 31.13 -3.90 -4.52
C LEU A 242 30.46 -2.56 -4.79
N CYS A 243 31.09 -1.73 -5.60
CA CYS A 243 30.57 -0.41 -5.95
C CYS A 243 30.33 -0.31 -7.44
N SER A 244 29.25 0.34 -7.81
CA SER A 244 29.09 0.82 -9.17
C SER A 244 29.77 2.17 -9.28
N ASP A 245 30.26 2.49 -10.48
CA ASP A 245 30.96 3.73 -10.74
C ASP A 245 30.75 4.09 -12.20
N SER A 246 30.58 5.37 -12.50
CA SER A 246 30.35 5.84 -13.86
C SER A 246 31.15 7.11 -14.08
N ASN A 247 32.23 7.04 -14.86
CA ASN A 247 33.06 8.21 -15.07
C ASN A 247 32.33 9.29 -15.87
N GLY A 248 31.76 8.93 -17.01
CA GLY A 248 31.01 9.87 -17.83
C GLY A 248 31.45 9.96 -19.27
N SER A 252 27.38 4.82 -20.44
CA SER A 252 28.63 5.34 -20.96
C SER A 252 29.81 4.52 -20.45
N SER A 253 30.29 4.91 -19.27
CA SER A 253 31.46 4.32 -18.63
C SER A 253 31.07 3.58 -17.35
N ALA A 254 29.96 2.84 -17.39
CA ALA A 254 29.33 2.27 -16.20
C ALA A 254 29.99 0.93 -15.87
N ARG A 255 30.79 0.92 -14.82
CA ARG A 255 31.64 -0.17 -14.38
C ARG A 255 31.30 -0.55 -12.94
N ILE A 256 31.61 -1.79 -12.55
CA ILE A 256 31.41 -2.24 -11.17
C ILE A 256 32.75 -2.74 -10.63
N LEU A 257 33.11 -2.29 -9.43
CA LEU A 257 34.42 -2.49 -8.80
C LEU A 257 34.27 -3.24 -7.49
N GLN A 258 35.17 -4.18 -7.25
CA GLN A 258 35.27 -4.84 -5.95
C GLN A 258 36.35 -4.13 -5.13
N ILE A 259 35.97 -3.60 -3.98
CA ILE A 259 36.88 -2.78 -3.19
C ILE A 259 37.77 -3.67 -2.34
N ILE A 260 39.09 -3.51 -2.51
CA ILE A 260 40.11 -4.24 -1.76
C ILE A 260 41.10 -3.23 -1.19
N LYS A 261 41.77 -3.61 -0.10
CA LYS A 261 42.71 -2.73 0.56
C LYS A 261 43.83 -2.32 -0.39
N GLY A 262 44.12 -1.02 -0.44
CA GLY A 262 45.28 -0.45 -1.11
C GLY A 262 45.22 -0.34 -2.62
N LYS A 263 44.07 -0.48 -3.25
CA LYS A 263 44.01 -0.50 -4.71
C LYS A 263 43.63 0.85 -5.32
N ASP A 264 44.21 1.11 -6.49
CA ASP A 264 43.96 2.33 -7.28
C ASP A 264 43.07 1.95 -8.46
N TYR A 265 41.85 2.49 -8.47
CA TYR A 265 40.84 2.12 -9.47
C TYR A 265 40.76 3.08 -10.66
N GLU A 266 41.70 4.02 -10.77
CA GLU A 266 41.84 4.80 -11.99
C GLU A 266 42.22 3.89 -13.16
N SER A 267 41.44 3.96 -14.24
CA SER A 267 41.65 3.15 -15.44
C SER A 267 41.66 1.66 -15.13
N GLU A 268 40.84 1.25 -14.14
CA GLU A 268 40.60 -0.13 -13.72
C GLU A 268 39.33 -0.66 -14.35
N PRO A 269 39.39 -1.82 -15.01
CA PRO A 269 38.18 -2.39 -15.60
C PRO A 269 37.21 -2.87 -14.53
N SER A 270 35.95 -2.95 -14.94
CA SER A 270 34.92 -3.50 -14.10
C SER A 270 35.00 -5.02 -14.05
N LEU A 271 34.32 -5.58 -13.06
CA LEU A 271 34.08 -7.02 -13.04
C LEU A 271 33.25 -7.47 -14.24
N LEU A 272 32.52 -6.56 -14.90
CA LEU A 272 31.62 -6.92 -15.98
C LEU A 272 31.89 -6.12 -17.24
N GLU A 273 31.86 -6.81 -18.38
CA GLU A 273 31.91 -6.14 -19.69
C GLU A 273 30.53 -5.89 -20.28
N PHE A 274 29.50 -6.62 -19.83
CA PHE A 274 28.18 -6.54 -20.46
C PHE A 274 27.63 -5.11 -20.42
N LYS A 275 27.57 -4.52 -19.22
CA LYS A 275 27.09 -3.14 -19.06
C LYS A 275 27.47 -2.64 -17.68
N PRO A 281 22.38 4.59 -16.16
CA PRO A 281 23.46 4.30 -15.20
C PRO A 281 22.92 3.76 -13.87
N LEU A 282 23.74 2.99 -13.17
CA LEU A 282 23.32 2.33 -11.94
C LEU A 282 23.23 3.30 -10.76
N VAL A 283 22.19 3.14 -9.96
CA VAL A 283 22.04 3.86 -8.71
C VAL A 283 22.94 3.25 -7.64
N GLY A 284 23.04 1.93 -7.64
CA GLY A 284 23.78 1.22 -6.63
C GLY A 284 23.24 -0.20 -6.51
N GLY A 285 23.68 -0.87 -5.44
CA GLY A 285 23.26 -2.23 -5.21
C GLY A 285 23.38 -2.59 -3.75
N PHE A 286 23.04 -3.85 -3.46
CA PHE A 286 22.96 -4.37 -2.10
C PHE A 286 23.20 -5.87 -2.16
N VAL A 287 23.54 -6.43 -1.02
CA VAL A 287 23.65 -7.88 -0.84
C VAL A 287 22.44 -8.33 -0.03
N TYR A 288 21.60 -9.20 -0.60
CA TYR A 288 20.39 -9.62 0.11
C TYR A 288 20.75 -10.62 1.20
N ARG A 289 20.49 -10.24 2.46
CA ARG A 289 20.64 -11.16 3.59
C ARG A 289 19.36 -11.26 4.41
N GLY A 290 18.22 -10.96 3.79
CA GLY A 290 16.94 -11.09 4.46
C GLY A 290 16.48 -12.53 4.58
N CYS A 291 15.28 -12.67 5.10
CA CYS A 291 14.71 -13.98 5.36
C CYS A 291 13.50 -14.30 4.47
N GLN A 292 12.80 -13.29 3.94
CA GLN A 292 11.55 -13.54 3.21
C GLN A 292 11.79 -14.32 1.92
N SER A 293 12.87 -14.04 1.22
CA SER A 293 13.24 -14.76 0.01
C SER A 293 14.36 -15.74 0.32
N GLU A 294 14.12 -17.02 0.08
CA GLU A 294 15.23 -17.97 0.14
C GLU A 294 16.12 -17.85 -1.10
N ARG A 295 15.51 -17.83 -2.27
CA ARG A 295 16.30 -17.94 -3.49
C ARG A 295 17.23 -16.74 -3.67
N LEU A 296 16.89 -15.58 -3.11
CA LEU A 296 17.70 -14.38 -3.27
C LEU A 296 18.84 -14.29 -2.26
N TYR A 297 18.83 -15.13 -1.22
CA TYR A 297 19.82 -15.01 -0.15
C TYR A 297 21.22 -15.08 -0.72
N GLY A 298 22.06 -14.10 -0.35
CA GLY A 298 23.41 -14.03 -0.81
C GLY A 298 23.61 -13.37 -2.16
N SER A 299 22.56 -13.02 -2.88
CA SER A 299 22.77 -12.37 -4.17
C SER A 299 23.20 -10.92 -4.03
N TYR A 300 24.09 -10.50 -4.93
CA TYR A 300 24.35 -9.07 -5.17
C TYR A 300 23.37 -8.60 -6.22
N VAL A 301 22.67 -7.51 -5.90
CA VAL A 301 21.63 -6.94 -6.76
C VAL A 301 21.98 -5.48 -6.99
N PHE A 302 21.92 -5.04 -8.24
CA PHE A 302 22.14 -3.63 -8.58
C PHE A 302 20.96 -3.15 -9.41
N GLY A 303 20.64 -1.87 -9.29
CA GLY A 303 19.53 -1.29 -10.01
C GLY A 303 19.86 0.07 -10.58
N ASP A 304 19.17 0.41 -11.68
CA ASP A 304 19.26 1.74 -12.26
C ASP A 304 18.06 2.58 -11.78
N ARG A 305 18.03 3.86 -12.18
CA ARG A 305 16.97 4.77 -11.70
C ARG A 305 15.58 4.33 -12.19
N ASN A 306 15.49 3.61 -13.31
CA ASN A 306 14.19 3.23 -13.83
C ASN A 306 13.76 1.86 -13.34
N GLY A 307 14.52 1.23 -12.45
CA GLY A 307 14.03 0.01 -11.85
C GLY A 307 14.43 -1.25 -12.58
N ASN A 308 15.33 -1.17 -13.55
CA ASN A 308 15.91 -2.36 -14.12
C ASN A 308 16.92 -2.89 -13.11
N PHE A 309 16.78 -4.16 -12.75
CA PHE A 309 17.61 -4.77 -11.74
C PHE A 309 18.38 -5.94 -12.36
N LEU A 310 19.57 -6.17 -11.83
CA LEU A 310 20.40 -7.28 -12.24
C LEU A 310 21.02 -7.93 -11.02
N THR A 311 21.35 -9.20 -11.17
CA THR A 311 22.03 -10.00 -10.17
C THR A 311 23.45 -10.20 -10.66
N LEU A 312 24.39 -10.17 -9.72
CA LEU A 312 25.78 -10.53 -9.93
C LEU A 312 26.03 -11.84 -9.23
N GLN A 313 26.53 -12.81 -9.99
CA GLN A 313 26.91 -14.11 -9.45
C GLN A 313 28.38 -14.34 -9.77
N GLN A 314 29.17 -14.64 -8.74
CA GLN A 314 30.56 -15.02 -8.91
C GLN A 314 30.75 -16.52 -9.04
N SER A 315 31.47 -16.94 -10.07
CA SER A 315 31.85 -18.33 -10.26
C SER A 315 32.81 -18.79 -9.17
N PRO A 316 32.49 -19.81 -8.39
CA PRO A 316 33.51 -20.36 -7.47
C PRO A 316 34.75 -20.84 -8.17
N VAL A 317 34.67 -21.20 -9.45
CA VAL A 317 35.80 -21.81 -10.15
C VAL A 317 36.77 -20.75 -10.66
N THR A 318 36.27 -19.79 -11.43
CA THR A 318 37.11 -18.78 -12.08
C THR A 318 37.19 -17.48 -11.28
N LYS A 319 36.22 -17.26 -10.41
CA LYS A 319 36.02 -16.02 -9.66
C LYS A 319 35.62 -14.86 -10.55
N GLN A 320 35.36 -15.10 -11.83
CA GLN A 320 34.76 -14.09 -12.69
C GLN A 320 33.31 -13.82 -12.27
N TRP A 321 32.83 -12.61 -12.56
CA TRP A 321 31.44 -12.26 -12.26
C TRP A 321 30.58 -12.28 -13.52
N GLN A 322 29.30 -12.57 -13.32
CA GLN A 322 28.36 -12.61 -14.43
C GLN A 322 27.06 -11.92 -13.98
N GLU A 323 26.43 -11.17 -14.90
CA GLU A 323 25.17 -10.51 -14.60
C GLU A 323 24.00 -11.25 -15.25
N LYS A 324 22.89 -11.33 -14.54
CA LYS A 324 21.62 -11.75 -15.13
C LYS A 324 20.50 -10.79 -14.77
N PRO A 325 19.52 -10.62 -15.64
CA PRO A 325 18.42 -9.71 -15.32
C PRO A 325 17.57 -10.26 -14.19
N LEU A 326 16.95 -9.36 -13.46
CA LEU A 326 16.01 -9.70 -12.42
C LEU A 326 14.71 -9.01 -12.77
N CYS A 327 13.64 -9.77 -12.95
CA CYS A 327 12.39 -9.20 -13.43
C CYS A 327 11.44 -8.89 -12.28
N LEU A 328 10.66 -7.85 -12.49
CA LEU A 328 9.54 -7.52 -11.61
C LEU A 328 8.25 -7.92 -12.32
N GLY A 329 7.29 -8.41 -11.56
CA GLY A 329 5.98 -8.74 -12.11
C GLY A 329 4.92 -8.57 -11.05
N THR A 330 3.69 -8.35 -11.50
CA THR A 330 2.59 -8.13 -10.58
C THR A 330 2.06 -9.46 -10.06
N SER A 331 1.80 -9.51 -8.75
CA SER A 331 1.13 -10.64 -8.09
C SER A 331 0.18 -10.03 -7.05
N GLY A 332 -1.11 -9.96 -7.36
CA GLY A 332 -2.00 -9.24 -6.45
C GLY A 332 -1.61 -7.77 -6.37
N SER A 333 -1.67 -7.20 -5.18
CA SER A 333 -1.26 -5.81 -4.95
C SER A 333 0.24 -5.64 -4.82
N CYS A 334 1.02 -6.73 -4.86
CA CYS A 334 2.46 -6.61 -4.94
C CYS A 334 2.77 -6.49 -6.42
N ARG A 335 3.22 -5.30 -6.84
CA ARG A 335 3.13 -4.88 -8.22
C ARG A 335 4.48 -4.97 -8.92
N GLY A 336 4.43 -5.05 -10.25
CA GLY A 336 5.63 -5.10 -11.05
C GLY A 336 6.14 -3.75 -11.52
N TYR A 337 5.69 -2.68 -10.87
CA TYR A 337 6.07 -1.33 -11.26
C TYR A 337 5.96 -0.48 -10.01
N PHE A 338 6.46 0.75 -10.12
CA PHE A 338 6.43 1.71 -9.02
C PHE A 338 6.49 3.09 -9.64
N SER A 339 6.19 4.08 -8.82
CA SER A 339 6.14 5.46 -9.30
C SER A 339 7.53 6.06 -9.36
N GLY A 340 7.77 6.88 -10.38
CA GLY A 340 8.95 7.75 -10.35
C GLY A 340 10.27 7.02 -10.55
N HIS A 341 11.33 7.62 -10.02
CA HIS A 341 12.69 7.16 -10.19
C HIS A 341 13.28 6.73 -8.85
N ILE A 342 14.12 5.70 -8.91
CA ILE A 342 14.82 5.20 -7.72
C ILE A 342 15.89 6.19 -7.29
N LEU A 343 15.74 6.73 -6.08
CA LEU A 343 16.75 7.58 -5.49
C LEU A 343 17.68 6.81 -4.55
N GLY A 344 17.25 5.69 -3.99
CA GLY A 344 18.13 5.01 -3.07
C GLY A 344 17.57 3.69 -2.62
N PHE A 345 18.28 3.07 -1.68
CA PHE A 345 17.97 1.73 -1.19
C PHE A 345 17.86 1.71 0.34
N GLY A 346 17.20 0.67 0.85
CA GLY A 346 17.07 0.54 2.28
C GLY A 346 17.18 -0.91 2.72
N GLU A 347 17.51 -1.07 3.99
CA GLU A 347 17.64 -2.39 4.58
C GLU A 347 17.09 -2.33 6.00
N ASP A 348 16.18 -3.23 6.34
CA ASP A 348 15.65 -3.18 7.68
C ASP A 348 16.37 -4.22 8.54
N GLU A 349 16.08 -4.19 9.84
CA GLU A 349 16.84 -5.00 10.80
C GLU A 349 16.68 -6.49 10.53
N LEU A 350 15.64 -6.90 9.81
CA LEU A 350 15.50 -8.30 9.44
C LEU A 350 16.22 -8.62 8.15
N GLY A 351 16.79 -7.62 7.48
CA GLY A 351 17.54 -7.83 6.25
C GLY A 351 16.74 -7.65 4.98
N GLU A 352 15.47 -7.25 5.08
CA GLU A 352 14.72 -7.01 3.86
C GLU A 352 15.12 -5.67 3.27
N VAL A 353 14.91 -5.54 1.96
CA VAL A 353 15.44 -4.42 1.19
C VAL A 353 14.32 -3.62 0.55
N TYR A 354 14.63 -2.34 0.34
CA TYR A 354 13.65 -1.35 -0.06
C TYR A 354 14.17 -0.44 -1.16
N ILE A 355 13.24 0.06 -1.92
CA ILE A 355 13.44 1.11 -2.92
C ILE A 355 12.96 2.41 -2.31
N LEU A 356 13.70 3.48 -2.55
CA LEU A 356 13.23 4.82 -2.28
C LEU A 356 13.15 5.51 -3.61
N SER A 357 11.97 6.05 -3.90
CA SER A 357 11.65 6.64 -5.19
C SER A 357 10.99 7.99 -4.97
N SER A 358 11.08 8.81 -6.00
CA SER A 358 10.43 10.09 -5.94
C SER A 358 9.99 10.44 -7.35
N SER A 359 9.00 11.32 -7.41
CA SER A 359 8.32 11.71 -8.62
C SER A 359 8.22 13.23 -8.57
N LYS A 360 7.89 13.86 -9.69
CA LYS A 360 7.92 15.32 -9.67
C LYS A 360 6.61 16.00 -9.31
N SER A 361 5.49 15.56 -9.88
CA SER A 361 4.21 16.25 -9.62
C SER A 361 4.29 17.80 -9.87
N GLN A 364 2.70 16.12 -3.62
CA GLN A 364 3.24 17.10 -4.54
C GLN A 364 4.64 17.48 -4.10
N THR A 365 4.72 18.30 -3.05
CA THR A 365 6.00 18.52 -2.39
C THR A 365 6.56 17.21 -1.86
N HIS A 366 5.72 16.42 -1.19
CA HIS A 366 6.16 15.14 -0.63
C HIS A 366 5.63 13.98 -1.47
N ASN A 367 6.24 13.79 -2.63
CA ASN A 367 5.86 12.69 -3.50
C ASN A 367 6.83 11.53 -3.43
N GLY A 368 7.65 11.45 -2.38
CA GLY A 368 8.57 10.34 -2.28
C GLY A 368 7.94 9.15 -1.59
N LYS A 369 8.45 7.97 -1.90
CA LYS A 369 7.82 6.73 -1.51
C LYS A 369 8.87 5.72 -1.13
N LEU A 370 8.46 4.84 -0.23
CA LEU A 370 9.24 3.73 0.27
C LEU A 370 8.57 2.44 -0.17
N TYR A 371 9.28 1.59 -0.90
CA TYR A 371 8.73 0.32 -1.36
C TYR A 371 9.58 -0.84 -0.85
N LYS A 372 8.92 -1.96 -0.56
CA LYS A 372 9.63 -3.17 -0.18
C LYS A 372 9.73 -4.13 -1.36
N ILE A 373 10.88 -4.81 -1.48
CA ILE A 373 11.02 -5.87 -2.47
C ILE A 373 10.55 -7.17 -1.87
N VAL A 374 9.66 -7.87 -2.58
CA VAL A 374 8.99 -9.05 -2.07
C VAL A 374 9.16 -10.18 -3.06
N ASP A 375 9.44 -11.38 -2.52
CA ASP A 375 9.48 -12.61 -3.28
C ASP A 375 8.09 -13.26 -3.18
N PRO A 376 7.29 -13.18 -4.24
CA PRO A 376 5.91 -13.67 -4.14
C PRO A 376 5.83 -15.20 -4.12
N LYS A 377 6.93 -15.92 -4.33
CA LYS A 377 6.94 -17.38 -4.20
C LYS A 377 6.89 -17.83 -2.75
N ARG A 378 7.08 -16.91 -1.81
CA ARG A 378 7.21 -17.21 -0.41
C ARG A 378 6.16 -16.44 0.38
N PRO A 379 5.73 -16.97 1.52
CA PRO A 379 4.87 -16.19 2.42
C PRO A 379 5.53 -14.87 2.80
N LEU A 380 4.68 -13.92 3.20
CA LEU A 380 5.20 -12.67 3.73
C LEU A 380 5.87 -12.85 5.09
N MET A 381 5.38 -13.78 5.90
CA MET A 381 5.97 -14.08 7.21
C MET A 381 6.16 -15.58 7.32
N PRO A 382 7.21 -16.10 6.72
CA PRO A 382 7.52 -17.53 6.93
C PRO A 382 7.82 -17.73 8.40
N GLU A 383 7.56 -18.95 8.88
CA GLU A 383 7.74 -19.23 10.31
C GLU A 383 9.12 -18.78 10.80
N GLU A 384 10.17 -19.13 10.06
CA GLU A 384 11.52 -18.87 10.54
C GLU A 384 11.84 -17.37 10.59
N CYS A 385 11.04 -16.52 9.97
CA CYS A 385 11.39 -15.10 9.95
C CYS A 385 10.79 -14.31 11.12
N ARG A 386 9.97 -14.94 11.96
CA ARG A 386 9.41 -14.24 13.10
C ARG A 386 10.52 -13.72 14.02
N ALA A 387 10.35 -12.50 14.52
CA ALA A 387 11.30 -11.93 15.47
C ALA A 387 10.57 -10.91 16.33
N THR A 388 10.76 -11.00 17.65
CA THR A 388 10.01 -10.14 18.55
C THR A 388 10.63 -8.75 18.65
N VAL A 389 9.78 -7.73 18.54
CA VAL A 389 10.26 -6.36 18.66
C VAL A 389 10.72 -6.10 20.08
N GLN A 390 11.93 -5.60 20.22
CA GLN A 390 12.41 -5.12 21.50
C GLN A 390 12.40 -3.62 21.45
N PRO A 391 11.44 -2.95 22.09
CA PRO A 391 11.31 -1.50 21.95
C PRO A 391 12.54 -0.75 22.47
N ALA A 392 12.85 0.34 21.80
CA ALA A 392 14.07 1.09 22.11
C ALA A 392 14.06 1.61 23.54
N GLN A 393 15.21 1.47 24.20
CA GLN A 393 15.38 1.94 25.55
C GLN A 393 16.30 3.15 25.57
N THR A 394 16.15 3.96 26.60
CA THR A 394 17.06 5.08 26.77
C THR A 394 18.45 4.56 27.11
N LEU A 395 19.47 5.31 26.68
CA LEU A 395 20.85 5.01 27.05
C LEU A 395 20.99 4.68 28.53
N THR A 396 21.84 3.72 28.84
CA THR A 396 22.19 3.39 30.22
C THR A 396 23.67 3.27 30.46
N SER A 397 24.51 3.55 29.46
CA SER A 397 25.95 3.47 29.64
C SER A 397 26.41 4.44 30.71
N GLU A 398 27.30 3.96 31.59
CA GLU A 398 27.82 4.78 32.68
C GLU A 398 28.33 6.12 32.16
N CYS A 399 29.01 6.11 31.01
CA CYS A 399 29.55 7.35 30.46
C CYS A 399 28.43 8.35 30.17
N SER A 400 27.39 7.93 29.46
CA SER A 400 26.33 8.86 29.13
C SER A 400 25.68 9.44 30.40
N ARG A 401 25.62 8.65 31.48
CA ARG A 401 25.02 9.14 32.72
C ARG A 401 25.89 10.20 33.39
N LEU A 402 27.21 9.95 33.50
CA LEU A 402 28.03 10.78 34.38
C LEU A 402 28.97 11.75 33.68
N CYS A 403 29.17 11.64 32.36
CA CYS A 403 30.15 12.48 31.65
C CYS A 403 29.56 13.88 31.41
N ARG A 404 29.65 14.72 32.44
CA ARG A 404 29.03 16.04 32.36
C ARG A 404 29.82 17.00 31.48
N ASN A 405 31.12 17.15 31.73
CA ASN A 405 31.94 18.16 31.06
C ASN A 405 32.92 17.48 30.11
N GLY A 406 32.54 17.40 28.85
CA GLY A 406 33.33 16.71 27.85
C GLY A 406 32.42 15.89 26.99
N TYR A 407 32.99 14.88 26.34
CA TYR A 407 32.22 14.04 25.43
C TYR A 407 32.59 12.58 25.69
N CYS A 408 31.71 11.67 25.31
CA CYS A 408 31.95 10.23 25.44
C CYS A 408 32.45 9.69 24.11
N THR A 409 33.54 8.93 24.16
CA THR A 409 33.94 8.18 22.97
C THR A 409 33.02 6.97 22.84
N PRO A 410 32.93 6.38 21.64
CA PRO A 410 32.12 5.17 21.49
C PRO A 410 32.52 4.04 22.41
N THR A 411 33.70 4.10 23.02
CA THR A 411 34.18 3.10 23.97
C THR A 411 33.73 3.37 25.40
N GLY A 412 33.24 4.58 25.69
CA GLY A 412 32.84 4.94 27.04
C GLY A 412 33.85 5.77 27.79
N LYS A 413 34.98 6.08 27.17
CA LYS A 413 35.93 7.00 27.79
C LYS A 413 35.34 8.39 27.78
N CYS A 414 35.34 9.03 28.95
CA CYS A 414 34.85 10.40 29.08
C CYS A 414 36.03 11.34 28.87
N CYS A 415 35.99 12.10 27.79
CA CYS A 415 37.05 13.00 27.38
C CYS A 415 36.74 14.41 27.89
N CYS A 416 37.59 14.92 28.76
CA CYS A 416 37.31 16.15 29.48
C CYS A 416 37.47 17.37 28.60
N SER A 417 36.53 18.31 28.73
CA SER A 417 36.72 19.65 28.21
C SER A 417 37.95 20.28 28.85
N PRO A 418 38.47 21.35 28.26
CA PRO A 418 39.62 22.03 28.88
C PRO A 418 39.26 22.61 30.25
N GLY A 419 40.07 22.27 31.25
CA GLY A 419 39.87 22.75 32.59
C GLY A 419 39.19 21.79 33.53
N TRP A 420 38.94 20.56 33.09
CA TRP A 420 38.20 19.58 33.89
C TRP A 420 39.01 18.29 33.97
N GLU A 421 38.70 17.50 35.00
CA GLU A 421 39.37 16.22 35.18
C GLU A 421 38.50 15.38 36.10
N GLY A 422 38.98 14.17 36.40
CA GLY A 422 38.20 13.16 37.09
C GLY A 422 37.68 12.11 36.13
N ASP A 423 37.23 11.00 36.72
CA ASP A 423 36.80 9.87 35.91
C ASP A 423 35.69 10.26 34.93
N PHE A 424 34.84 11.20 35.32
CA PHE A 424 33.74 11.65 34.46
C PHE A 424 33.76 13.17 34.34
N CYS A 425 34.95 13.77 34.53
CA CYS A 425 35.18 15.20 34.37
C CYS A 425 34.29 16.03 35.28
N ARG A 426 34.17 15.57 36.53
CA ARG A 426 33.32 16.26 37.49
C ARG A 426 34.07 17.30 38.33
N THR A 427 35.39 17.17 38.49
CA THR A 427 36.16 18.13 39.29
C THR A 427 36.86 19.12 38.37
N ALA A 428 36.61 20.40 38.60
CA ALA A 428 37.26 21.47 37.84
C ALA A 428 38.68 21.70 38.37
N LYS A 429 39.54 22.20 37.49
CA LYS A 429 40.94 22.48 37.80
C LYS A 429 41.13 23.97 38.03
N CYS A 430 41.94 24.32 39.04
CA CYS A 430 42.28 25.70 39.34
C CYS A 430 43.80 25.78 39.47
N GLU A 431 44.43 26.53 38.58
CA GLU A 431 45.87 26.78 38.65
C GLU A 431 46.11 28.27 38.53
N PRO A 432 46.61 28.94 39.59
CA PRO A 432 46.92 28.33 40.89
C PRO A 432 45.68 27.96 41.73
N ALA A 433 45.92 27.20 42.80
CA ALA A 433 44.87 26.64 43.61
C ALA A 433 44.10 27.71 44.38
N CYS A 434 42.83 27.43 44.68
CA CYS A 434 42.06 28.26 45.60
C CYS A 434 42.62 28.13 47.01
N ARG A 435 42.62 29.23 47.74
CA ARG A 435 43.15 29.26 49.09
C ARG A 435 42.04 29.58 50.08
N HIS A 436 42.36 29.42 51.37
CA HIS A 436 41.47 29.76 52.49
C HIS A 436 40.12 29.05 52.38
N GLY A 437 40.19 27.76 52.07
CA GLY A 437 39.02 26.92 51.99
C GLY A 437 38.16 27.15 50.77
N GLY A 438 38.60 27.98 49.82
CA GLY A 438 37.83 28.19 48.62
C GLY A 438 37.61 26.89 47.86
N VAL A 439 36.62 26.90 46.98
CA VAL A 439 36.29 25.72 46.20
C VAL A 439 36.56 26.03 44.74
N CYS A 440 37.22 25.11 44.03
CA CYS A 440 37.34 25.28 42.58
C CYS A 440 36.03 24.84 41.94
N VAL A 441 35.22 25.81 41.47
CA VAL A 441 33.86 25.55 41.01
C VAL A 441 33.81 25.27 39.51
N ARG A 442 34.43 26.15 38.72
CA ARG A 442 34.58 26.03 37.28
C ARG A 442 36.07 26.19 37.02
N PRO A 443 36.54 25.90 35.79
CA PRO A 443 37.97 26.11 35.50
C PRO A 443 38.48 27.47 35.93
N ASN A 444 39.43 27.48 36.88
CA ASN A 444 40.09 28.71 37.34
C ASN A 444 39.11 29.70 37.93
N LYS A 445 38.01 29.21 38.48
CA LYS A 445 37.03 30.04 39.18
C LYS A 445 36.90 29.51 40.60
N CYS A 446 37.21 30.35 41.58
CA CYS A 446 37.19 29.95 42.98
C CYS A 446 35.99 30.59 43.67
N LEU A 447 35.19 29.75 44.32
CA LEU A 447 34.16 30.24 45.22
C LEU A 447 34.80 30.45 46.59
N CYS A 448 34.89 31.70 47.02
CA CYS A 448 35.57 32.05 48.25
C CYS A 448 34.61 32.04 49.43
N LYS A 449 35.16 31.72 50.60
CA LYS A 449 34.45 31.95 51.85
C LYS A 449 34.43 33.43 52.17
N LYS A 450 33.38 33.88 52.86
CA LYS A 450 33.26 35.28 53.22
C LYS A 450 34.47 35.72 54.03
N GLY A 451 34.98 36.90 53.71
CA GLY A 451 36.17 37.37 54.37
C GLY A 451 37.43 37.21 53.55
N TYR A 452 37.36 36.53 52.41
CA TYR A 452 38.55 36.34 51.58
C TYR A 452 38.23 36.74 50.15
N LEU A 453 39.11 37.55 49.55
CA LEU A 453 38.89 38.17 48.25
C LEU A 453 40.03 37.83 47.31
N GLY A 454 39.83 38.11 46.04
CA GLY A 454 40.85 37.86 45.03
C GLY A 454 40.55 36.59 44.27
N PRO A 455 41.20 36.41 43.12
CA PRO A 455 40.89 35.26 42.25
C PRO A 455 41.15 33.89 42.89
N GLN A 456 42.01 33.79 43.89
CA GLN A 456 42.21 32.53 44.60
C GLN A 456 41.87 32.65 46.07
N CYS A 457 41.02 33.62 46.44
CA CYS A 457 40.67 33.87 47.83
C CYS A 457 41.91 34.16 48.67
N GLU A 458 42.91 34.82 48.07
CA GLU A 458 44.18 35.00 48.73
C GLU A 458 44.26 36.21 49.66
N GLN A 459 43.39 37.20 49.49
CA GLN A 459 43.42 38.42 50.27
C GLN A 459 42.44 38.33 51.43
N VAL A 460 42.91 38.66 52.62
CA VAL A 460 42.09 38.64 53.82
C VAL A 460 41.42 40.00 53.97
N ASP A 461 40.10 39.99 54.15
CA ASP A 461 39.37 41.21 54.45
C ASP A 461 39.38 41.44 55.97
N HIS B 5 0.11 -16.24 16.17
CA HIS B 5 0.68 -16.50 14.86
C HIS B 5 -0.40 -16.83 13.85
N ASN B 6 -1.63 -16.99 14.33
CA ASN B 6 -2.74 -17.39 13.48
C ASN B 6 -3.48 -16.21 12.88
N CYS B 7 -2.97 -14.99 13.06
CA CYS B 7 -3.72 -13.84 12.62
C CYS B 7 -3.64 -13.72 11.11
N PHE B 8 -4.55 -12.93 10.57
CA PHE B 8 -4.53 -12.51 9.18
C PHE B 8 -4.02 -11.08 9.14
N CYS B 9 -3.93 -10.51 7.95
CA CYS B 9 -3.44 -9.13 7.86
C CYS B 9 -4.06 -8.47 6.66
N ILE B 10 -3.92 -7.15 6.59
CA ILE B 10 -4.67 -6.30 5.67
C ILE B 10 -3.70 -5.52 4.82
N GLN B 11 -3.94 -5.50 3.51
CA GLN B 11 -3.05 -4.84 2.56
C GLN B 11 -3.83 -3.77 1.82
N GLU B 12 -3.36 -2.54 1.88
CA GLU B 12 -4.04 -1.51 1.11
C GLU B 12 -3.83 -1.77 -0.37
N VAL B 13 -4.90 -1.78 -1.15
CA VAL B 13 -4.83 -2.02 -2.58
C VAL B 13 -4.90 -0.71 -3.36
N VAL B 14 -5.86 0.13 -3.02
CA VAL B 14 -6.00 1.42 -3.68
C VAL B 14 -6.75 2.37 -2.75
N SER B 15 -6.55 3.67 -2.94
CA SER B 15 -7.27 4.68 -2.17
C SER B 15 -7.89 5.69 -3.14
N GLY B 16 -8.29 6.85 -2.64
CA GLY B 16 -8.93 7.84 -3.49
C GLY B 16 -10.38 7.55 -3.86
N LEU B 17 -11.01 6.59 -3.22
CA LEU B 17 -12.39 6.27 -3.48
C LEU B 17 -13.35 7.24 -2.74
N ARG B 18 -14.56 7.36 -3.29
CA ARG B 18 -15.61 8.24 -2.78
C ARG B 18 -16.65 7.30 -2.19
N GLN B 19 -16.67 7.19 -0.86
CA GLN B 19 -17.62 6.35 -0.13
C GLN B 19 -17.84 4.99 -0.80
N PRO B 20 -16.82 4.15 -0.90
CA PRO B 20 -17.02 2.84 -1.55
C PRO B 20 -17.88 1.95 -0.67
N VAL B 21 -18.79 1.22 -1.29
CA VAL B 21 -19.74 0.40 -0.55
C VAL B 21 -19.65 -1.08 -0.89
N GLY B 22 -18.97 -1.47 -1.97
CA GLY B 22 -18.72 -2.88 -2.23
C GLY B 22 -17.86 -3.05 -3.47
N ALA B 23 -17.50 -4.29 -3.76
CA ALA B 23 -16.70 -4.54 -4.96
C ALA B 23 -16.86 -5.98 -5.41
N LEU B 24 -16.93 -6.19 -6.72
CA LEU B 24 -17.12 -7.56 -7.20
C LEU B 24 -16.59 -7.66 -8.63
N HIS B 25 -16.46 -8.89 -9.11
CA HIS B 25 -16.00 -9.18 -10.45
C HIS B 25 -17.18 -9.54 -11.33
N SER B 26 -16.94 -9.59 -12.63
CA SER B 26 -17.97 -9.86 -13.61
C SER B 26 -17.93 -11.26 -14.18
N GLY B 27 -17.08 -12.13 -13.63
CA GLY B 27 -17.05 -13.51 -14.09
C GLY B 27 -16.72 -13.69 -15.56
N ASP B 28 -16.03 -12.73 -16.19
CA ASP B 28 -15.74 -12.85 -17.62
C ASP B 28 -14.30 -13.25 -17.92
N GLY B 29 -13.49 -13.52 -16.89
CA GLY B 29 -12.11 -13.90 -17.10
C GLY B 29 -11.13 -12.74 -17.15
N SER B 30 -11.63 -11.50 -17.17
CA SER B 30 -10.82 -10.31 -17.30
C SER B 30 -10.20 -9.88 -15.98
N GLN B 31 -10.67 -10.44 -14.87
CA GLN B 31 -10.16 -10.15 -13.53
C GLN B 31 -10.24 -8.67 -13.19
N ARG B 32 -11.18 -7.98 -13.82
CA ARG B 32 -11.51 -6.63 -13.39
C ARG B 32 -12.26 -6.70 -12.07
N LEU B 33 -12.07 -5.66 -11.26
CA LEU B 33 -12.83 -5.53 -10.03
C LEU B 33 -13.65 -4.26 -10.13
N PHE B 34 -14.93 -4.36 -9.89
CA PHE B 34 -15.88 -3.25 -10.01
C PHE B 34 -16.20 -2.72 -8.61
N ILE B 35 -15.85 -1.47 -8.37
CA ILE B 35 -16.01 -0.84 -7.07
C ILE B 35 -17.21 0.09 -7.09
N LEU B 36 -18.15 -0.14 -6.18
CA LEU B 36 -19.37 0.66 -6.05
C LEU B 36 -19.14 1.87 -5.14
N GLU B 37 -19.49 3.05 -5.63
CA GLU B 37 -19.40 4.29 -4.86
C GLU B 37 -20.81 4.82 -4.61
N LYS B 38 -21.06 5.17 -3.34
CA LYS B 38 -22.41 5.40 -2.81
C LYS B 38 -23.21 6.40 -3.63
N GLU B 39 -22.56 7.49 -4.06
CA GLU B 39 -23.28 8.54 -4.77
C GLU B 39 -23.74 8.08 -6.15
N GLY B 40 -23.29 6.93 -6.61
CA GLY B 40 -23.82 6.39 -7.84
C GLY B 40 -22.79 6.19 -8.93
N TYR B 41 -21.62 5.62 -8.58
CA TYR B 41 -20.61 5.31 -9.59
C TYR B 41 -20.14 3.87 -9.43
N VAL B 42 -19.70 3.28 -10.52
CA VAL B 42 -19.00 2.01 -10.52
C VAL B 42 -17.67 2.24 -11.24
N LYS B 43 -16.56 2.07 -10.52
CA LYS B 43 -15.23 2.28 -11.06
C LYS B 43 -14.58 0.92 -11.32
N ILE B 44 -13.68 0.87 -12.31
CA ILE B 44 -12.99 -0.36 -12.67
C ILE B 44 -11.56 -0.32 -12.13
N LEU B 45 -11.19 -1.38 -11.42
CA LEU B 45 -9.83 -1.62 -10.98
C LEU B 45 -9.26 -2.76 -11.83
N THR B 46 -8.21 -2.49 -12.60
CA THR B 46 -7.56 -3.53 -13.41
C THR B 46 -6.71 -4.47 -12.54
N PRO B 47 -6.41 -5.67 -13.02
CA PRO B 47 -5.55 -6.56 -12.23
C PRO B 47 -4.14 -6.01 -12.04
N GLU B 48 -3.73 -5.01 -12.84
CA GLU B 48 -2.48 -4.30 -12.57
C GLU B 48 -2.63 -3.19 -11.55
N GLY B 49 -3.84 -2.88 -11.10
CA GLY B 49 -4.03 -1.94 -10.00
C GLY B 49 -4.32 -0.50 -10.42
N GLU B 50 -4.67 -0.24 -11.68
CA GLU B 50 -5.09 1.06 -12.15
C GLU B 50 -6.61 1.20 -11.99
N ILE B 51 -7.07 2.39 -11.66
CA ILE B 51 -8.48 2.75 -11.76
C ILE B 51 -8.67 3.48 -13.07
N PHE B 52 -9.59 3.01 -13.89
CA PHE B 52 -9.89 3.73 -15.12
C PHE B 52 -10.46 5.10 -14.77
N LYS B 53 -10.05 6.11 -15.53
CA LYS B 53 -10.58 7.45 -15.34
C LYS B 53 -12.09 7.45 -15.55
N GLU B 54 -12.56 6.86 -16.64
CA GLU B 54 -13.99 6.87 -16.94
C GLU B 54 -14.71 5.81 -16.10
N PRO B 55 -15.75 6.17 -15.37
CA PRO B 55 -16.52 5.16 -14.63
C PRO B 55 -17.10 4.11 -15.58
N TYR B 56 -17.18 2.89 -15.08
CA TYR B 56 -17.95 1.88 -15.78
C TYR B 56 -19.43 2.27 -15.84
N LEU B 57 -19.94 2.86 -14.76
CA LEU B 57 -21.34 3.28 -14.70
C LEU B 57 -21.40 4.57 -13.90
N ASP B 58 -22.02 5.57 -14.48
CA ASP B 58 -22.23 6.85 -13.83
C ASP B 58 -23.73 7.14 -13.87
N ILE B 59 -24.39 6.96 -12.73
CA ILE B 59 -25.81 7.28 -12.59
C ILE B 59 -26.05 8.22 -11.42
N HIS B 60 -25.09 9.09 -11.12
CA HIS B 60 -25.23 9.92 -9.93
C HIS B 60 -26.41 10.89 -10.02
N LYS B 61 -26.88 11.20 -11.23
CA LYS B 61 -28.03 12.09 -11.31
C LYS B 61 -29.32 11.34 -11.02
N LEU B 62 -29.39 10.05 -11.34
CA LEU B 62 -30.53 9.23 -10.98
C LEU B 62 -30.56 8.88 -9.50
N VAL B 63 -29.41 8.92 -8.81
CA VAL B 63 -29.30 8.41 -7.45
C VAL B 63 -29.51 9.55 -6.46
N GLN B 64 -30.34 9.29 -5.46
CA GLN B 64 -30.51 10.19 -4.33
C GLN B 64 -29.70 9.62 -3.17
N SER B 65 -28.62 10.30 -2.81
CA SER B 65 -27.75 9.79 -1.75
C SER B 65 -27.83 10.73 -0.56
N GLY B 66 -27.35 10.24 0.58
CA GLY B 66 -27.45 10.95 1.84
C GLY B 66 -26.09 11.42 2.32
N ILE B 67 -26.08 12.63 2.89
CA ILE B 67 -24.86 13.17 3.49
C ILE B 67 -24.57 12.50 4.83
N LYS B 68 -25.60 12.36 5.67
CA LYS B 68 -25.47 11.70 6.97
C LYS B 68 -25.05 10.25 6.81
N GLY B 69 -24.41 9.71 7.85
CA GLY B 69 -23.83 8.39 7.78
C GLY B 69 -24.83 7.26 7.87
N GLY B 70 -25.82 7.43 8.75
CA GLY B 70 -26.88 6.46 8.88
C GLY B 70 -27.86 6.45 7.73
N ASP B 71 -27.82 7.48 6.89
CA ASP B 71 -28.68 7.62 5.72
C ASP B 71 -28.24 6.63 4.66
N GLU B 72 -28.98 5.52 4.53
CA GLU B 72 -28.60 4.45 3.61
C GLU B 72 -28.91 4.75 2.15
N ARG B 73 -29.46 5.91 1.82
CA ARG B 73 -29.78 6.22 0.43
C ARG B 73 -28.53 6.31 -0.42
N GLY B 74 -28.62 5.74 -1.62
CA GLY B 74 -27.59 5.85 -2.63
C GLY B 74 -27.57 4.60 -3.50
N LEU B 75 -26.42 4.34 -4.13
CA LEU B 75 -26.26 3.09 -4.87
C LEU B 75 -26.05 1.96 -3.86
N LEU B 76 -26.81 0.89 -3.99
CA LEU B 76 -26.83 -0.12 -2.94
C LEU B 76 -26.10 -1.40 -3.31
N SER B 77 -26.22 -1.83 -4.56
CA SER B 77 -25.72 -3.14 -4.93
C SER B 77 -25.64 -3.25 -6.45
N LEU B 78 -24.90 -4.27 -6.89
CA LEU B 78 -24.63 -4.60 -8.29
C LEU B 78 -24.46 -6.11 -8.40
N ALA B 79 -25.01 -6.69 -9.45
CA ALA B 79 -24.77 -8.09 -9.73
C ALA B 79 -24.63 -8.26 -11.22
N PHE B 80 -23.63 -9.03 -11.63
CA PHE B 80 -23.48 -9.37 -13.03
C PHE B 80 -24.22 -10.67 -13.33
N HIS B 81 -24.82 -10.72 -14.50
CA HIS B 81 -25.46 -11.93 -14.92
C HIS B 81 -24.42 -13.05 -15.04
N PRO B 82 -24.77 -14.27 -14.65
CA PRO B 82 -23.81 -15.39 -14.76
C PRO B 82 -23.18 -15.54 -16.14
N ASN B 83 -23.89 -15.13 -17.20
CA ASN B 83 -23.39 -15.24 -18.56
C ASN B 83 -23.05 -13.86 -19.14
N TYR B 84 -22.65 -12.92 -18.27
CA TYR B 84 -22.30 -11.57 -18.69
C TYR B 84 -21.29 -11.58 -19.82
N LYS B 85 -20.35 -12.54 -19.79
CA LYS B 85 -19.32 -12.62 -20.83
C LYS B 85 -19.94 -12.63 -22.22
N LYS B 86 -21.15 -13.17 -22.35
CA LYS B 86 -21.83 -13.30 -23.63
C LYS B 86 -22.98 -12.33 -23.83
N ASN B 87 -23.73 -11.97 -22.76
CA ASN B 87 -24.92 -11.14 -22.91
C ASN B 87 -24.76 -9.74 -22.32
N GLY B 88 -23.69 -9.47 -21.57
CA GLY B 88 -23.44 -8.11 -21.12
C GLY B 88 -24.44 -7.55 -20.13
N LYS B 89 -25.17 -8.41 -19.43
CA LYS B 89 -26.23 -7.96 -18.54
C LYS B 89 -25.74 -7.75 -17.11
N LEU B 90 -26.18 -6.65 -16.50
CA LEU B 90 -25.91 -6.38 -15.10
C LEU B 90 -27.17 -5.81 -14.47
N TYR B 91 -27.22 -5.84 -13.13
CA TYR B 91 -28.37 -5.41 -12.35
C TYR B 91 -27.87 -4.51 -11.22
N VAL B 92 -28.51 -3.36 -11.02
CA VAL B 92 -28.13 -2.47 -9.93
C VAL B 92 -29.38 -2.10 -9.16
N SER B 93 -29.22 -1.91 -7.86
CA SER B 93 -30.27 -1.38 -7.02
C SER B 93 -29.81 -0.05 -6.46
N TYR B 94 -30.72 0.93 -6.42
CA TYR B 94 -30.37 2.24 -5.89
C TYR B 94 -31.64 2.97 -5.49
N THR B 95 -31.48 4.02 -4.70
CA THR B 95 -32.60 4.85 -4.28
C THR B 95 -32.65 6.12 -5.14
N THR B 96 -33.87 6.59 -5.38
CA THR B 96 -34.07 7.72 -6.27
C THR B 96 -35.35 8.43 -5.88
N ASN B 97 -35.47 9.68 -6.33
CA ASN B 97 -36.59 10.53 -5.97
C ASN B 97 -37.69 10.46 -7.01
N GLN B 98 -38.92 10.19 -6.56
CA GLN B 98 -40.13 10.29 -7.37
C GLN B 98 -41.33 10.56 -6.47
N HIS B 106 -44.46 9.30 0.30
CA HIS B 106 -43.27 8.47 0.13
C HIS B 106 -42.03 9.34 0.21
N ASP B 107 -40.97 8.79 0.80
CA ASP B 107 -39.69 9.49 0.82
C ASP B 107 -38.92 9.25 -0.47
N HIS B 108 -38.83 7.99 -0.92
CA HIS B 108 -38.09 7.71 -2.13
C HIS B 108 -38.45 6.34 -2.66
N ILE B 109 -37.81 5.95 -3.75
CA ILE B 109 -38.06 4.66 -4.36
C ILE B 109 -36.76 3.87 -4.44
N LEU B 110 -36.82 2.59 -4.07
CA LEU B 110 -35.71 1.66 -4.26
C LEU B 110 -35.94 0.92 -5.56
N ARG B 111 -35.12 1.22 -6.57
CA ARG B 111 -35.22 0.65 -7.90
C ARG B 111 -34.26 -0.52 -8.03
N VAL B 112 -34.71 -1.56 -8.73
CA VAL B 112 -33.84 -2.60 -9.28
C VAL B 112 -33.96 -2.51 -10.80
N VAL B 113 -32.81 -2.30 -11.47
CA VAL B 113 -32.70 -1.93 -12.87
C VAL B 113 -31.68 -2.80 -13.58
N GLU B 114 -32.01 -3.29 -14.77
CA GLU B 114 -31.04 -3.96 -15.62
C GLU B 114 -30.37 -2.97 -16.57
N TYR B 115 -29.07 -3.12 -16.75
CA TYR B 115 -28.28 -2.37 -17.72
C TYR B 115 -27.56 -3.38 -18.60
N THR B 116 -27.21 -2.96 -19.82
CA THR B 116 -26.36 -3.74 -20.69
C THR B 116 -25.08 -2.97 -20.97
N VAL B 117 -23.93 -3.65 -20.94
CA VAL B 117 -22.66 -3.00 -21.32
C VAL B 117 -22.76 -2.52 -22.77
N SER B 118 -22.05 -1.44 -23.08
CA SER B 118 -22.13 -0.91 -24.44
C SER B 118 -21.49 -1.87 -25.45
N ARG B 119 -22.00 -1.83 -26.68
CA ARG B 119 -21.51 -2.72 -27.71
C ARG B 119 -20.10 -2.37 -28.12
N LYS B 120 -19.73 -1.09 -28.07
CA LYS B 120 -18.47 -0.63 -28.62
C LYS B 120 -17.34 -0.62 -27.60
N ASN B 121 -17.66 -0.49 -26.31
CA ASN B 121 -16.65 -0.31 -25.27
C ASN B 121 -16.97 -1.21 -24.08
N PRO B 122 -16.23 -2.30 -23.91
CA PRO B 122 -16.52 -3.22 -22.79
C PRO B 122 -16.32 -2.61 -21.41
N HIS B 123 -15.85 -1.37 -21.31
CA HIS B 123 -15.58 -0.75 -20.02
C HIS B 123 -16.59 0.33 -19.70
N GLN B 124 -17.65 0.46 -20.48
CA GLN B 124 -18.70 1.41 -20.14
C GLN B 124 -20.07 0.79 -20.36
N VAL B 125 -20.96 0.97 -19.39
CA VAL B 125 -22.35 0.61 -19.57
C VAL B 125 -23.01 1.57 -20.55
N ASP B 126 -23.87 1.04 -21.42
CA ASP B 126 -24.75 1.84 -22.29
C ASP B 126 -25.93 2.30 -21.43
N LEU B 127 -25.96 3.59 -21.08
CA LEU B 127 -27.00 4.09 -20.18
C LEU B 127 -28.40 4.02 -20.79
N ARG B 128 -28.51 4.01 -22.11
CA ARG B 128 -29.82 3.96 -22.74
C ARG B 128 -30.51 2.63 -22.51
N THR B 129 -29.80 1.61 -22.04
CA THR B 129 -30.36 0.28 -21.91
C THR B 129 -31.03 0.04 -20.57
N ALA B 130 -31.28 1.08 -19.79
CA ALA B 130 -31.88 0.87 -18.48
C ALA B 130 -33.27 0.25 -18.64
N ARG B 131 -33.54 -0.75 -17.81
CA ARG B 131 -34.77 -1.54 -17.90
C ARG B 131 -35.19 -1.86 -16.47
N VAL B 132 -36.20 -1.15 -15.97
CA VAL B 132 -36.55 -1.23 -14.55
C VAL B 132 -37.28 -2.54 -14.26
N PHE B 133 -36.81 -3.27 -13.26
CA PHE B 133 -37.46 -4.49 -12.78
C PHE B 133 -38.36 -4.24 -11.58
N LEU B 134 -37.91 -3.46 -10.61
CA LEU B 134 -38.75 -3.23 -9.44
C LEU B 134 -38.62 -1.78 -9.01
N GLU B 135 -39.73 -1.27 -8.46
CA GLU B 135 -39.75 0.01 -7.76
C GLU B 135 -40.48 -0.21 -6.44
N VAL B 136 -39.73 -0.12 -5.35
CA VAL B 136 -40.22 -0.40 -4.00
C VAL B 136 -40.32 0.93 -3.26
N ALA B 137 -41.53 1.31 -2.88
CA ALA B 137 -41.74 2.54 -2.14
C ALA B 137 -40.98 2.48 -0.82
N GLU B 138 -40.46 3.62 -0.41
CA GLU B 138 -39.73 3.70 0.84
C GLU B 138 -40.18 4.96 1.56
N LEU B 139 -40.46 4.81 2.85
CA LEU B 139 -40.83 5.92 3.71
C LEU B 139 -39.64 6.44 4.50
N HIS B 140 -38.64 5.61 4.78
CA HIS B 140 -37.55 6.01 5.65
C HIS B 140 -36.22 5.76 4.96
N ARG B 141 -35.14 6.14 5.65
CA ARG B 141 -33.81 6.09 5.04
C ARG B 141 -32.91 5.07 5.70
N LYS B 142 -33.47 4.15 6.50
CA LYS B 142 -32.70 3.08 7.12
C LYS B 142 -33.42 1.76 6.91
N HIS B 143 -32.68 0.65 7.17
CA HIS B 143 -33.22 -0.70 7.00
C HIS B 143 -33.62 -0.96 5.55
N LEU B 144 -32.88 -0.43 4.60
CA LEU B 144 -33.27 -0.58 3.20
C LEU B 144 -32.90 -1.95 2.66
N GLY B 145 -31.67 -2.39 2.87
CA GLY B 145 -31.20 -3.59 2.19
C GLY B 145 -30.80 -3.22 0.78
N GLY B 146 -31.10 -4.07 -0.19
CA GLY B 146 -30.81 -3.81 -1.57
C GLY B 146 -29.85 -4.79 -2.20
N GLN B 147 -29.25 -5.70 -1.43
CA GLN B 147 -28.21 -6.57 -1.96
C GLN B 147 -28.79 -7.41 -3.09
N LEU B 148 -28.07 -7.44 -4.22
CA LEU B 148 -28.35 -8.31 -5.34
C LEU B 148 -27.29 -9.40 -5.41
N LEU B 149 -27.71 -10.60 -5.76
CA LEU B 149 -26.79 -11.70 -5.96
C LEU B 149 -27.49 -12.78 -6.77
N PHE B 150 -26.71 -13.57 -7.49
CA PHE B 150 -27.22 -14.72 -8.21
C PHE B 150 -26.81 -15.96 -7.45
N GLY B 151 -27.72 -16.92 -7.36
CA GLY B 151 -27.40 -18.17 -6.69
C GLY B 151 -26.98 -19.23 -7.68
N PRO B 152 -26.41 -20.33 -7.17
CA PRO B 152 -26.05 -21.44 -8.05
C PRO B 152 -27.18 -21.90 -8.95
N ASP B 153 -28.43 -21.71 -8.52
CA ASP B 153 -29.59 -22.03 -9.36
C ASP B 153 -29.70 -21.10 -10.57
N GLY B 154 -29.01 -19.97 -10.55
CA GLY B 154 -29.09 -19.02 -11.64
C GLY B 154 -30.14 -17.95 -11.48
N PHE B 155 -30.88 -17.94 -10.38
CA PHE B 155 -31.90 -16.94 -10.11
C PHE B 155 -31.29 -15.72 -9.41
N LEU B 156 -31.99 -14.59 -9.51
CA LEU B 156 -31.54 -13.33 -8.93
C LEU B 156 -32.22 -13.12 -7.58
N TYR B 157 -31.42 -13.07 -6.50
CA TYR B 157 -31.93 -12.84 -5.15
C TYR B 157 -31.80 -11.37 -4.81
N ILE B 158 -32.80 -10.85 -4.10
CA ILE B 158 -32.85 -9.45 -3.69
C ILE B 158 -33.23 -9.47 -2.22
N ILE B 159 -32.36 -8.94 -1.36
CA ILE B 159 -32.60 -8.91 0.08
C ILE B 159 -33.01 -7.51 0.48
N LEU B 160 -34.26 -7.34 0.86
CA LEU B 160 -34.79 -6.06 1.26
C LEU B 160 -35.09 -6.06 2.75
N GLY B 161 -34.59 -5.04 3.44
CA GLY B 161 -34.95 -4.84 4.82
C GLY B 161 -36.34 -4.27 4.96
N ASP B 162 -36.79 -4.13 6.22
CA ASP B 162 -38.16 -3.75 6.46
C ASP B 162 -38.41 -2.26 6.28
N GLY B 163 -37.37 -1.48 5.98
CA GLY B 163 -37.54 -0.07 5.69
C GLY B 163 -38.09 0.75 6.84
N MET B 164 -38.07 0.15 8.04
CA MET B 164 -38.69 0.72 9.25
C MET B 164 -40.18 0.96 9.10
N ILE B 165 -40.83 0.21 8.21
CA ILE B 165 -42.24 0.38 7.90
C ILE B 165 -43.09 -0.46 8.84
N THR B 166 -44.01 0.18 9.55
CA THR B 166 -44.86 -0.46 10.55
C THR B 166 -46.13 -1.04 9.90
N LEU B 167 -46.89 -1.79 10.71
CA LEU B 167 -48.19 -2.26 10.27
C LEU B 167 -49.17 -1.11 10.06
N ASP B 168 -49.19 -0.15 10.98
CA ASP B 168 -50.00 1.05 10.76
C ASP B 168 -49.59 1.77 9.48
N ASP B 169 -48.29 1.80 9.19
CA ASP B 169 -47.84 2.37 7.93
C ASP B 169 -48.45 1.64 6.74
N MET B 170 -48.59 0.31 6.84
CA MET B 170 -49.03 -0.47 5.68
C MET B 170 -50.55 -0.37 5.49
N GLU B 171 -51.32 -0.49 6.57
CA GLU B 171 -52.76 -0.32 6.42
C GLU B 171 -53.11 1.12 6.03
N GLU B 172 -52.39 2.10 6.57
CA GLU B 172 -52.72 3.49 6.27
C GLU B 172 -52.34 3.87 4.84
N MET B 173 -51.09 3.67 4.45
CA MET B 173 -50.61 4.19 3.16
C MET B 173 -50.80 3.23 2.00
N ASP B 174 -51.47 3.72 0.98
CA ASP B 174 -51.65 3.01 -0.28
C ASP B 174 -50.32 2.97 -1.03
N GLY B 175 -50.18 1.98 -1.91
CA GLY B 175 -49.02 1.95 -2.77
C GLY B 175 -47.73 1.47 -2.15
N LEU B 176 -47.70 1.20 -0.84
CA LEU B 176 -46.53 0.58 -0.24
C LEU B 176 -46.37 -0.86 -0.70
N SER B 177 -45.13 -1.24 -0.98
CA SER B 177 -44.85 -2.53 -1.55
C SER B 177 -45.07 -3.63 -0.51
N ASP B 178 -45.34 -4.83 -1.00
CA ASP B 178 -45.35 -6.02 -0.14
C ASP B 178 -43.99 -6.72 -0.11
N PHE B 179 -42.96 -6.14 -0.74
CA PHE B 179 -41.65 -6.75 -0.82
C PHE B 179 -40.73 -6.45 0.35
N THR B 180 -40.93 -5.34 1.07
CA THR B 180 -39.97 -4.96 2.12
C THR B 180 -39.94 -6.01 3.23
N GLY B 181 -38.75 -6.28 3.73
CA GLY B 181 -38.54 -7.27 4.74
C GLY B 181 -38.37 -8.67 4.22
N SER B 182 -38.09 -8.82 2.93
CA SER B 182 -38.16 -10.12 2.29
C SER B 182 -36.95 -10.38 1.41
N VAL B 183 -36.70 -11.65 1.18
CA VAL B 183 -35.81 -12.11 0.12
C VAL B 183 -36.69 -12.49 -1.06
N LEU B 184 -36.51 -11.77 -2.16
CA LEU B 184 -37.12 -12.05 -3.45
C LEU B 184 -36.22 -12.93 -4.31
N ARG B 185 -36.82 -13.82 -5.09
CA ARG B 185 -36.07 -14.65 -6.04
C ARG B 185 -36.74 -14.58 -7.40
N LEU B 186 -36.03 -14.03 -8.39
CA LEU B 186 -36.54 -13.81 -9.73
C LEU B 186 -35.83 -14.70 -10.75
N ASP B 187 -36.54 -15.02 -11.82
CA ASP B 187 -35.95 -15.67 -12.99
C ASP B 187 -35.84 -14.59 -14.08
N VAL B 188 -34.63 -14.06 -14.29
CA VAL B 188 -34.44 -13.02 -15.30
C VAL B 188 -34.26 -13.59 -16.70
N ASP B 189 -34.09 -14.90 -16.83
CA ASP B 189 -33.90 -15.57 -18.12
C ASP B 189 -35.25 -15.94 -18.73
N THR B 190 -35.95 -14.92 -19.20
CA THR B 190 -37.27 -15.09 -19.79
C THR B 190 -37.25 -14.84 -21.30
N ASP B 191 -38.06 -15.59 -22.04
CA ASP B 191 -38.32 -15.27 -23.44
C ASP B 191 -39.57 -14.42 -23.60
N MET B 192 -40.29 -14.15 -22.51
CA MET B 192 -41.51 -13.34 -22.58
C MET B 192 -41.16 -11.86 -22.58
N CYS B 193 -41.86 -11.10 -23.42
CA CYS B 193 -41.64 -9.66 -23.52
C CYS B 193 -42.65 -8.85 -22.72
N ASN B 194 -43.74 -9.46 -22.29
CA ASN B 194 -44.78 -8.76 -21.57
C ASN B 194 -44.37 -8.34 -20.16
N VAL B 195 -43.36 -8.97 -19.56
CA VAL B 195 -42.91 -8.62 -18.21
C VAL B 195 -41.40 -8.65 -18.16
N PRO B 196 -40.80 -7.88 -17.24
CA PRO B 196 -39.31 -7.84 -17.17
C PRO B 196 -38.67 -9.10 -16.61
N TYR B 197 -39.40 -9.92 -15.86
CA TYR B 197 -38.85 -11.14 -15.30
C TYR B 197 -40.00 -12.10 -15.10
N SER B 198 -39.69 -13.38 -14.96
CA SER B 198 -40.70 -14.38 -14.63
C SER B 198 -40.38 -14.97 -13.26
N ILE B 199 -41.34 -15.69 -12.70
CA ILE B 199 -41.21 -16.26 -11.36
C ILE B 199 -40.81 -17.73 -11.48
N PRO B 200 -39.76 -18.17 -10.77
CA PRO B 200 -39.39 -19.58 -10.83
C PRO B 200 -40.51 -20.45 -10.25
N ARG B 201 -40.74 -21.58 -10.92
CA ARG B 201 -41.78 -22.52 -10.49
C ARG B 201 -41.49 -23.09 -9.10
N SER B 202 -40.23 -23.11 -8.69
CA SER B 202 -39.81 -23.57 -7.38
C SER B 202 -40.21 -22.61 -6.26
N ASN B 203 -40.63 -21.39 -6.60
CA ASN B 203 -40.86 -20.38 -5.58
C ASN B 203 -42.04 -20.77 -4.68
N PRO B 204 -41.97 -20.44 -3.40
CA PRO B 204 -42.94 -21.01 -2.45
C PRO B 204 -44.36 -20.47 -2.61
N HIS B 205 -44.52 -19.23 -3.10
CA HIS B 205 -45.83 -18.63 -3.28
C HIS B 205 -46.14 -18.37 -4.76
N PHE B 206 -45.52 -19.15 -5.65
CA PHE B 206 -45.78 -19.04 -7.08
C PHE B 206 -47.23 -19.37 -7.41
N ASN B 207 -47.89 -18.47 -8.15
CA ASN B 207 -49.31 -18.61 -8.49
C ASN B 207 -50.17 -18.78 -7.24
N SER B 208 -49.83 -18.01 -6.20
CA SER B 208 -50.52 -18.03 -4.92
C SER B 208 -51.02 -16.62 -4.62
N THR B 209 -52.33 -16.48 -4.45
CA THR B 209 -52.95 -15.16 -4.28
C THR B 209 -52.62 -14.51 -2.94
N ASN B 210 -52.23 -15.28 -1.93
CA ASN B 210 -52.04 -14.74 -0.58
C ASN B 210 -50.81 -13.84 -0.47
N GLN B 211 -49.68 -14.26 -1.05
CA GLN B 211 -48.44 -13.51 -0.94
C GLN B 211 -47.83 -13.32 -2.33
N PRO B 212 -47.02 -12.27 -2.53
CA PRO B 212 -46.38 -12.06 -3.82
C PRO B 212 -45.55 -13.26 -4.25
N PRO B 213 -45.67 -13.67 -5.52
CA PRO B 213 -44.90 -14.83 -5.98
C PRO B 213 -43.41 -14.64 -5.94
N GLU B 214 -42.93 -13.38 -5.97
CA GLU B 214 -41.51 -13.09 -5.90
C GLU B 214 -40.88 -13.48 -4.57
N VAL B 215 -41.68 -13.52 -3.49
CA VAL B 215 -41.10 -13.66 -2.16
C VAL B 215 -40.61 -15.07 -1.96
N PHE B 216 -39.32 -15.19 -1.62
CA PHE B 216 -38.63 -16.43 -1.31
C PHE B 216 -38.57 -16.68 0.18
N ALA B 217 -38.40 -15.62 0.96
CA ALA B 217 -38.45 -15.70 2.42
C ALA B 217 -38.80 -14.32 2.95
N HIS B 218 -39.18 -14.25 4.22
CA HIS B 218 -39.57 -12.96 4.79
C HIS B 218 -39.27 -12.97 6.28
N GLY B 219 -39.63 -11.86 6.94
CA GLY B 219 -39.31 -11.64 8.33
C GLY B 219 -37.98 -10.94 8.58
N LEU B 220 -37.32 -10.42 7.55
CA LEU B 220 -36.08 -9.68 7.75
C LEU B 220 -36.36 -8.25 8.19
N HIS B 221 -35.46 -7.72 9.02
CA HIS B 221 -35.61 -6.36 9.55
C HIS B 221 -34.53 -5.43 9.00
N ASP B 222 -33.29 -5.57 9.46
CA ASP B 222 -32.18 -4.72 9.02
C ASP B 222 -31.02 -5.62 8.65
N PRO B 223 -31.06 -6.21 7.46
CA PRO B 223 -30.02 -7.18 7.08
C PRO B 223 -28.76 -6.48 6.65
N GLY B 224 -27.63 -7.08 6.99
CA GLY B 224 -26.34 -6.68 6.48
C GLY B 224 -26.10 -7.34 5.13
N ARG B 225 -24.85 -7.24 4.68
CA ARG B 225 -24.43 -8.01 3.52
C ARG B 225 -24.48 -9.50 3.86
N CYS B 226 -25.16 -10.28 3.03
CA CYS B 226 -25.28 -11.70 3.26
C CYS B 226 -24.14 -12.47 2.59
N ALA B 227 -23.72 -13.55 3.23
CA ALA B 227 -22.73 -14.44 2.67
C ALA B 227 -23.44 -15.47 1.80
N VAL B 228 -22.94 -15.62 0.57
CA VAL B 228 -23.48 -16.55 -0.42
C VAL B 228 -22.42 -17.59 -0.74
N ASP B 229 -22.76 -18.87 -0.57
CA ASP B 229 -21.81 -19.94 -0.79
C ASP B 229 -22.02 -20.55 -2.17
N ARG B 230 -20.93 -20.74 -2.91
CA ARG B 230 -21.01 -21.47 -4.17
C ARG B 230 -20.72 -22.94 -3.97
N HIS B 231 -20.01 -23.28 -2.91
CA HIS B 231 -19.61 -24.64 -2.62
C HIS B 231 -18.70 -25.14 -3.73
N ASN B 238 -27.57 -26.96 -4.52
CA ASN B 238 -27.40 -26.65 -3.10
C ASN B 238 -26.99 -25.20 -2.93
N LEU B 239 -27.62 -24.48 -2.00
CA LEU B 239 -27.21 -23.11 -1.74
C LEU B 239 -27.37 -22.78 -0.25
N THR B 240 -26.37 -22.08 0.29
CA THR B 240 -26.37 -21.59 1.66
C THR B 240 -26.16 -20.09 1.65
N ILE B 241 -27.09 -19.37 2.29
CA ILE B 241 -27.08 -17.92 2.42
C ILE B 241 -27.22 -17.59 3.89
N LEU B 242 -26.21 -16.95 4.46
CA LEU B 242 -26.21 -16.53 5.86
C LEU B 242 -26.29 -15.00 5.90
N CYS B 243 -27.25 -14.46 6.65
CA CYS B 243 -27.40 -13.02 6.80
C CYS B 243 -27.23 -12.65 8.25
N SER B 244 -26.56 -11.54 8.51
CA SER B 244 -26.68 -10.96 9.84
C SER B 244 -27.89 -10.04 9.84
N ASP B 245 -28.53 -9.95 10.99
CA ASP B 245 -29.70 -9.11 11.13
C ASP B 245 -29.73 -8.68 12.58
N SER B 246 -30.13 -7.43 12.80
CA SER B 246 -30.22 -6.85 14.13
C SER B 246 -31.46 -5.98 14.20
N ASN B 247 -32.48 -6.45 14.92
CA ASN B 247 -33.71 -5.69 15.01
C ASN B 247 -33.49 -4.39 15.80
N ALA B 254 -25.03 -9.96 17.01
CA ALA B 254 -26.49 -9.94 17.01
C ALA B 254 -27.04 -11.25 16.47
N ARG B 255 -27.69 -11.22 15.31
CA ARG B 255 -28.41 -12.38 14.80
C ARG B 255 -27.81 -12.83 13.48
N ILE B 256 -27.66 -14.14 13.28
CA ILE B 256 -27.21 -14.67 12.01
C ILE B 256 -28.18 -15.78 11.59
N LEU B 257 -28.68 -15.67 10.36
CA LEU B 257 -29.76 -16.48 9.84
C LEU B 257 -29.26 -17.27 8.64
N GLN B 258 -29.64 -18.54 8.59
CA GLN B 258 -29.46 -19.31 7.38
C GLN B 258 -30.76 -19.22 6.60
N ILE B 259 -30.71 -18.63 5.42
CA ILE B 259 -31.90 -18.35 4.64
C ILE B 259 -32.25 -19.59 3.86
N ILE B 260 -33.47 -20.09 4.07
CA ILE B 260 -33.98 -21.25 3.38
C ILE B 260 -35.38 -20.91 2.87
N LYS B 261 -35.76 -21.58 1.79
CA LYS B 261 -36.99 -21.27 1.08
C LYS B 261 -38.21 -21.38 1.99
N GLY B 262 -39.07 -20.37 1.95
CA GLY B 262 -40.36 -20.36 2.60
C GLY B 262 -40.36 -20.14 4.10
N LYS B 263 -39.24 -19.70 4.68
CA LYS B 263 -39.15 -19.56 6.13
C LYS B 263 -39.42 -18.12 6.53
N ASP B 264 -40.05 -17.97 7.70
CA ASP B 264 -40.39 -16.68 8.29
C ASP B 264 -39.41 -16.44 9.44
N TYR B 265 -38.54 -15.45 9.26
CA TYR B 265 -37.46 -15.17 10.21
C TYR B 265 -37.87 -14.14 11.25
N GLU B 266 -39.14 -13.76 11.28
CA GLU B 266 -39.66 -12.97 12.39
C GLU B 266 -39.47 -13.77 13.67
N SER B 267 -38.79 -13.16 14.64
CA SER B 267 -38.50 -13.79 15.93
C SER B 267 -37.76 -15.13 15.78
N GLU B 268 -36.91 -15.27 14.76
CA GLU B 268 -36.11 -16.48 14.62
C GLU B 268 -34.74 -16.21 15.23
N PRO B 269 -34.30 -17.03 16.18
CA PRO B 269 -32.98 -16.82 16.80
C PRO B 269 -31.86 -17.12 15.82
N SER B 270 -30.68 -16.61 16.13
CA SER B 270 -29.54 -16.89 15.27
C SER B 270 -29.12 -18.36 15.40
N LEU B 271 -28.32 -18.80 14.43
CA LEU B 271 -27.76 -20.14 14.50
C LEU B 271 -26.92 -20.31 15.76
N LEU B 272 -26.27 -19.24 16.20
CA LEU B 272 -25.45 -19.23 17.40
C LEU B 272 -25.68 -17.95 18.17
N GLU B 273 -25.76 -18.05 19.49
CA GLU B 273 -25.80 -16.86 20.34
C GLU B 273 -24.36 -16.46 20.67
N PHE B 274 -24.05 -15.18 20.48
CA PHE B 274 -22.69 -14.68 20.54
C PHE B 274 -22.46 -13.92 21.85
N LYS B 275 -21.25 -13.42 21.99
CA LYS B 275 -20.89 -12.56 23.11
C LYS B 275 -21.36 -11.14 22.83
N PRO B 276 -21.53 -10.33 23.88
CA PRO B 276 -21.91 -8.93 23.65
C PRO B 276 -20.85 -8.19 22.85
N PHE B 277 -21.27 -7.62 21.71
CA PHE B 277 -20.37 -6.88 20.85
C PHE B 277 -20.20 -5.47 21.38
N SER B 278 -18.96 -5.09 21.69
CA SER B 278 -18.71 -3.77 22.26
C SER B 278 -18.51 -2.70 21.19
N ASN B 279 -17.94 -3.07 20.03
CA ASN B 279 -17.61 -2.11 19.00
C ASN B 279 -18.72 -1.88 17.98
N GLY B 280 -19.69 -2.79 17.89
CA GLY B 280 -20.85 -2.53 17.08
C GLY B 280 -21.54 -3.74 16.47
N PRO B 281 -22.71 -3.50 15.87
CA PRO B 281 -23.40 -4.55 15.10
C PRO B 281 -22.67 -4.88 13.80
N LEU B 282 -22.99 -6.06 13.29
CA LEU B 282 -22.30 -6.62 12.13
C LEU B 282 -22.65 -5.86 10.84
N VAL B 283 -21.61 -5.63 10.03
CA VAL B 283 -21.77 -5.07 8.70
C VAL B 283 -22.26 -6.15 7.75
N GLY B 284 -21.73 -7.35 7.89
CA GLY B 284 -22.03 -8.43 6.99
C GLY B 284 -20.91 -9.45 7.00
N GLY B 285 -20.96 -10.34 6.02
CA GLY B 285 -19.94 -11.37 5.91
C GLY B 285 -19.90 -11.92 4.50
N PHE B 286 -19.02 -12.89 4.31
CA PHE B 286 -18.77 -13.51 3.01
C PHE B 286 -18.33 -14.95 3.26
N VAL B 287 -18.42 -15.77 2.23
CA VAL B 287 -17.90 -17.13 2.28
C VAL B 287 -16.57 -17.14 1.54
N TYR B 288 -15.48 -17.46 2.25
CA TYR B 288 -14.17 -17.47 1.61
C TYR B 288 -14.01 -18.72 0.76
N ARG B 289 -13.89 -18.50 -0.55
CA ARG B 289 -13.62 -19.57 -1.49
C ARG B 289 -12.41 -19.22 -2.36
N GLY B 290 -11.54 -18.35 -1.84
CA GLY B 290 -10.33 -17.98 -2.52
C GLY B 290 -9.28 -19.08 -2.48
N CYS B 291 -8.13 -18.75 -3.03
CA CYS B 291 -7.01 -19.68 -3.18
C CYS B 291 -5.81 -19.32 -2.32
N GLN B 292 -5.64 -18.04 -1.97
CA GLN B 292 -4.43 -17.64 -1.26
C GLN B 292 -4.34 -18.29 0.11
N SER B 293 -5.47 -18.44 0.79
CA SER B 293 -5.51 -19.08 2.11
C SER B 293 -6.10 -20.49 2.01
N GLU B 294 -5.33 -21.49 2.45
CA GLU B 294 -5.92 -22.82 2.56
C GLU B 294 -6.83 -22.92 3.78
N ARG B 295 -6.36 -22.45 4.93
CA ARG B 295 -7.10 -22.68 6.16
C ARG B 295 -8.43 -21.93 6.21
N LEU B 296 -8.53 -20.82 5.48
CA LEU B 296 -9.77 -20.04 5.55
C LEU B 296 -10.84 -20.58 4.61
N TYR B 297 -10.49 -21.51 3.73
CA TYR B 297 -11.40 -21.97 2.70
C TYR B 297 -12.66 -22.55 3.33
N GLY B 298 -13.82 -22.11 2.85
CA GLY B 298 -15.09 -22.60 3.35
C GLY B 298 -15.58 -21.93 4.61
N SER B 299 -14.80 -21.05 5.22
CA SER B 299 -15.27 -20.33 6.39
C SER B 299 -16.21 -19.21 5.96
N TYR B 300 -17.24 -18.98 6.76
CA TYR B 300 -18.04 -17.77 6.68
C TYR B 300 -17.38 -16.76 7.59
N VAL B 301 -17.18 -15.54 7.09
CA VAL B 301 -16.55 -14.50 7.89
C VAL B 301 -17.50 -13.32 7.98
N PHE B 302 -17.73 -12.84 9.19
CA PHE B 302 -18.55 -11.67 9.45
C PHE B 302 -17.74 -10.67 10.26
N GLY B 303 -18.00 -9.37 10.02
CA GLY B 303 -17.30 -8.33 10.74
C GLY B 303 -18.22 -7.17 11.09
N ASP B 304 -17.81 -6.43 12.13
CA ASP B 304 -18.46 -5.17 12.48
C ASP B 304 -17.70 -4.02 11.83
N ARG B 305 -18.21 -2.79 12.00
CA ARG B 305 -17.62 -1.65 11.29
C ARG B 305 -16.20 -1.33 11.74
N ASN B 306 -15.83 -1.71 12.96
CA ASN B 306 -14.52 -1.40 13.48
C ASN B 306 -13.50 -2.50 13.23
N GLY B 307 -13.87 -3.54 12.50
CA GLY B 307 -12.90 -4.51 12.07
C GLY B 307 -12.73 -5.73 12.93
N ASN B 308 -13.60 -5.92 13.92
CA ASN B 308 -13.63 -7.18 14.67
C ASN B 308 -14.30 -8.26 13.83
N PHE B 309 -13.63 -9.39 13.67
CA PHE B 309 -14.11 -10.45 12.79
C PHE B 309 -14.33 -11.76 13.53
N LEU B 310 -15.31 -12.53 13.03
CA LEU B 310 -15.58 -13.87 13.51
C LEU B 310 -15.83 -14.77 12.31
N THR B 311 -15.56 -16.05 12.51
CA THR B 311 -15.80 -17.09 11.52
C THR B 311 -16.84 -18.07 12.03
N LEU B 312 -17.70 -18.50 11.12
CA LEU B 312 -18.63 -19.60 11.28
C LEU B 312 -18.18 -20.72 10.37
N GLN B 313 -18.21 -21.95 10.89
CA GLN B 313 -17.75 -23.09 10.11
C GLN B 313 -18.59 -24.30 10.53
N GLN B 314 -19.16 -24.98 9.54
CA GLN B 314 -19.97 -26.14 9.84
C GLN B 314 -19.02 -27.31 10.13
N SER B 315 -19.18 -27.94 11.28
CA SER B 315 -18.26 -28.99 11.68
C SER B 315 -18.30 -30.16 10.69
N PRO B 316 -17.15 -30.58 10.14
CA PRO B 316 -17.17 -31.72 9.22
C PRO B 316 -17.70 -32.99 9.85
N VAL B 317 -17.43 -33.20 11.14
CA VAL B 317 -17.91 -34.40 11.82
C VAL B 317 -19.40 -34.27 12.12
N THR B 318 -19.79 -33.20 12.82
CA THR B 318 -21.14 -33.09 13.36
C THR B 318 -22.09 -32.34 12.44
N LYS B 319 -21.56 -31.56 11.51
CA LYS B 319 -22.32 -30.68 10.61
C LYS B 319 -23.00 -29.55 11.36
N GLN B 320 -22.78 -29.42 12.68
CA GLN B 320 -23.22 -28.26 13.43
C GLN B 320 -22.34 -27.07 13.10
N TRP B 321 -22.87 -25.88 13.39
CA TRP B 321 -22.10 -24.67 13.18
C TRP B 321 -21.25 -24.39 14.41
N GLN B 322 -20.03 -23.90 14.19
CA GLN B 322 -19.12 -23.50 15.25
C GLN B 322 -18.56 -22.11 14.93
N GLU B 323 -18.20 -21.39 15.98
CA GLU B 323 -17.68 -20.04 15.90
C GLU B 323 -16.23 -20.01 16.36
N LYS B 324 -15.38 -19.27 15.62
CA LYS B 324 -14.00 -19.00 16.02
C LYS B 324 -13.69 -17.52 15.81
N PRO B 325 -12.94 -16.89 16.70
CA PRO B 325 -12.51 -15.51 16.43
C PRO B 325 -11.53 -15.44 15.28
N LEU B 326 -11.47 -14.28 14.64
CA LEU B 326 -10.45 -14.06 13.62
C LEU B 326 -9.70 -12.79 14.01
N CYS B 327 -8.40 -12.92 14.25
CA CYS B 327 -7.56 -11.80 14.66
C CYS B 327 -6.78 -11.24 13.48
N LEU B 328 -6.48 -9.95 13.56
CA LEU B 328 -5.57 -9.30 12.63
C LEU B 328 -4.25 -9.01 13.34
N GLY B 329 -3.16 -9.16 12.60
CA GLY B 329 -1.84 -8.84 13.13
C GLY B 329 -0.93 -8.38 12.01
N THR B 330 0.07 -7.58 12.36
CA THR B 330 0.98 -7.06 11.36
C THR B 330 2.03 -8.10 11.01
N SER B 331 2.31 -8.22 9.71
CA SER B 331 3.39 -9.06 9.18
C SER B 331 4.03 -8.25 8.06
N GLY B 332 5.16 -7.62 8.33
CA GLY B 332 5.74 -6.74 7.32
C GLY B 332 4.84 -5.57 7.02
N SER B 333 4.75 -5.20 5.75
CA SER B 333 3.89 -4.10 5.34
C SER B 333 2.42 -4.48 5.28
N CYS B 334 2.08 -5.73 5.57
CA CYS B 334 0.69 -6.18 5.71
C CYS B 334 0.31 -6.00 7.18
N ARG B 335 -0.60 -5.07 7.46
N ARG B 335 -0.59 -5.06 7.46
CA ARG B 335 -0.79 -4.51 8.78
CA ARG B 335 -0.76 -4.49 8.79
C ARG B 335 -1.93 -5.19 9.52
C ARG B 335 -1.96 -5.13 9.51
N GLY B 336 -1.93 -5.04 10.83
CA GLY B 336 -2.99 -5.60 11.64
C GLY B 336 -4.13 -4.62 11.89
N TYR B 337 -4.24 -3.59 11.06
CA TYR B 337 -5.22 -2.53 11.24
C TYR B 337 -5.52 -1.91 9.88
N PHE B 338 -6.53 -1.05 9.82
CA PHE B 338 -6.86 -0.33 8.59
C PHE B 338 -7.55 0.98 8.94
N SER B 339 -7.60 1.89 7.98
CA SER B 339 -8.20 3.19 8.20
C SER B 339 -9.73 3.12 8.14
N GLY B 340 -10.38 3.90 8.98
CA GLY B 340 -11.80 4.15 8.94
C GLY B 340 -12.66 2.97 9.36
N HIS B 341 -13.90 3.01 8.88
CA HIS B 341 -14.92 2.04 9.24
C HIS B 341 -15.25 1.21 8.02
N ILE B 342 -15.54 -0.06 8.25
CA ILE B 342 -15.87 -0.96 7.15
C ILE B 342 -17.24 -0.56 6.61
N LEU B 343 -17.28 -0.13 5.35
CA LEU B 343 -18.56 0.10 4.67
C LEU B 343 -19.01 -1.10 3.87
N GLY B 344 -18.11 -1.98 3.48
CA GLY B 344 -18.58 -3.14 2.74
C GLY B 344 -17.46 -4.12 2.45
N PHE B 345 -17.81 -5.14 1.68
CA PHE B 345 -16.91 -6.23 1.35
C PHE B 345 -16.83 -6.41 -0.17
N GLY B 346 -15.77 -7.09 -0.60
CA GLY B 346 -15.55 -7.34 -2.00
C GLY B 346 -14.99 -8.72 -2.23
N GLU B 347 -15.10 -9.18 -3.46
CA GLU B 347 -14.61 -10.49 -3.86
C GLU B 347 -14.13 -10.35 -5.29
N ASP B 348 -12.91 -10.82 -5.57
CA ASP B 348 -12.42 -10.73 -6.94
C ASP B 348 -12.62 -12.06 -7.65
N GLU B 349 -12.29 -12.10 -8.95
CA GLU B 349 -12.60 -13.26 -9.75
C GLU B 349 -11.85 -14.50 -9.30
N LEU B 350 -10.72 -14.33 -8.62
CA LEU B 350 -10.01 -15.49 -8.09
C LEU B 350 -10.54 -15.90 -6.73
N GLY B 351 -11.49 -15.14 -6.19
CA GLY B 351 -12.07 -15.45 -4.91
C GLY B 351 -11.43 -14.80 -3.72
N GLU B 352 -10.46 -13.91 -3.91
CA GLU B 352 -9.91 -13.24 -2.74
C GLU B 352 -10.88 -12.15 -2.30
N VAL B 353 -10.77 -11.76 -1.02
CA VAL B 353 -11.79 -10.90 -0.41
C VAL B 353 -11.21 -9.58 0.07
N TYR B 354 -12.08 -8.57 0.07
CA TYR B 354 -11.67 -7.20 0.34
C TYR B 354 -12.60 -6.53 1.34
N ILE B 355 -12.03 -5.54 2.01
CA ILE B 355 -12.68 -4.58 2.87
C ILE B 355 -12.77 -3.27 2.10
N LEU B 356 -13.90 -2.59 2.21
CA LEU B 356 -14.04 -1.23 1.71
C LEU B 356 -14.33 -0.36 2.90
N SER B 357 -13.54 0.69 3.08
CA SER B 357 -13.65 1.47 4.30
C SER B 357 -13.64 2.96 3.98
N SER B 358 -14.25 3.73 4.88
CA SER B 358 -14.33 5.18 4.80
C SER B 358 -14.62 5.71 6.20
N SER B 359 -14.52 7.03 6.33
CA SER B 359 -14.84 7.74 7.57
C SER B 359 -15.32 9.14 7.18
N LYS B 360 -15.75 9.92 8.18
CA LYS B 360 -16.13 11.29 7.87
C LYS B 360 -14.94 12.04 7.27
N SER B 361 -13.75 11.83 7.84
CA SER B 361 -12.55 12.44 7.26
C SER B 361 -12.29 11.89 5.86
N MET B 362 -12.37 10.57 5.71
CA MET B 362 -12.05 9.97 4.42
C MET B 362 -13.08 10.35 3.36
N THR B 363 -14.35 10.44 3.74
CA THR B 363 -15.37 10.89 2.80
C THR B 363 -15.12 12.33 2.37
N GLN B 364 -14.87 13.22 3.35
CA GLN B 364 -14.62 14.61 3.03
C GLN B 364 -13.47 14.79 2.05
N THR B 365 -12.43 13.96 2.12
CA THR B 365 -11.26 14.15 1.28
C THR B 365 -11.21 13.17 0.12
N HIS B 366 -12.31 12.48 -0.17
CA HIS B 366 -12.38 11.51 -1.27
C HIS B 366 -11.27 10.47 -1.18
N ASN B 367 -11.03 9.96 0.03
CA ASN B 367 -9.98 9.00 0.28
C ASN B 367 -10.51 7.74 0.97
N GLY B 368 -11.65 7.24 0.52
CA GLY B 368 -12.03 5.87 0.81
C GLY B 368 -11.00 4.88 0.29
N LYS B 369 -11.04 3.66 0.84
CA LYS B 369 -9.97 2.71 0.59
C LYS B 369 -10.49 1.30 0.39
N LEU B 370 -9.71 0.56 -0.38
CA LEU B 370 -9.94 -0.83 -0.68
C LEU B 370 -8.77 -1.61 -0.11
N TYR B 371 -9.05 -2.55 0.77
CA TYR B 371 -8.03 -3.37 1.39
C TYR B 371 -8.28 -4.83 1.05
N LYS B 372 -7.20 -5.59 0.86
CA LYS B 372 -7.31 -7.03 0.66
C LYS B 372 -6.95 -7.75 1.96
N ILE B 373 -7.67 -8.86 2.23
CA ILE B 373 -7.35 -9.73 3.36
C ILE B 373 -6.33 -10.76 2.92
N VAL B 374 -5.26 -10.93 3.69
CA VAL B 374 -4.14 -11.78 3.29
C VAL B 374 -3.86 -12.76 4.44
N ASP B 375 -3.66 -14.04 4.07
CA ASP B 375 -3.13 -15.05 4.98
C ASP B 375 -1.59 -15.06 4.91
N PRO B 376 -0.90 -14.49 5.89
CA PRO B 376 0.58 -14.36 5.78
C PRO B 376 1.36 -15.66 5.93
N LYS B 377 0.69 -16.77 6.27
CA LYS B 377 1.33 -18.08 6.29
C LYS B 377 1.54 -18.67 4.90
N ARG B 378 1.04 -18.03 3.87
CA ARG B 378 1.05 -18.53 2.51
C ARG B 378 1.68 -17.51 1.58
N PRO B 379 2.27 -17.95 0.46
CA PRO B 379 2.76 -17.01 -0.56
C PRO B 379 1.68 -16.05 -0.99
N LEU B 380 2.06 -14.87 -1.49
CA LEU B 380 1.06 -13.98 -2.07
C LEU B 380 0.50 -14.57 -3.37
N MET B 381 1.36 -15.27 -4.12
CA MET B 381 0.97 -15.93 -5.36
C MET B 381 1.44 -17.38 -5.30
N PRO B 382 0.71 -18.24 -4.60
CA PRO B 382 1.07 -19.67 -4.67
C PRO B 382 0.90 -20.11 -6.10
N GLU B 383 1.73 -21.06 -6.51
CA GLU B 383 1.73 -21.48 -7.91
C GLU B 383 0.31 -21.79 -8.37
N GLU B 384 -0.44 -22.56 -7.57
CA GLU B 384 -1.74 -23.05 -8.02
C GLU B 384 -2.78 -21.95 -8.20
N CYS B 385 -2.55 -20.74 -7.68
CA CYS B 385 -3.52 -19.65 -7.74
C CYS B 385 -3.38 -18.79 -9.00
N ARG B 386 -2.33 -18.99 -9.79
CA ARG B 386 -2.11 -18.15 -10.96
C ARG B 386 -3.16 -18.42 -12.02
N ALA B 387 -3.63 -17.36 -12.66
CA ALA B 387 -4.59 -17.48 -13.73
C ALA B 387 -4.32 -16.40 -14.76
N THR B 388 -4.39 -16.77 -16.03
CA THR B 388 -4.09 -15.82 -17.09
C THR B 388 -5.28 -14.90 -17.31
N VAL B 389 -5.01 -13.61 -17.40
CA VAL B 389 -6.03 -12.60 -17.68
C VAL B 389 -6.56 -12.79 -19.09
N GLN B 390 -7.88 -12.82 -19.21
CA GLN B 390 -8.54 -12.76 -20.52
C GLN B 390 -9.15 -11.38 -20.70
N PRO B 391 -8.56 -10.52 -21.51
CA PRO B 391 -9.04 -9.13 -21.58
C PRO B 391 -10.47 -9.03 -22.10
N ALA B 392 -11.22 -8.09 -21.55
CA ALA B 392 -12.63 -8.00 -21.88
C ALA B 392 -12.83 -7.69 -23.35
N GLN B 393 -13.79 -8.37 -23.96
CA GLN B 393 -14.12 -8.24 -25.37
C GLN B 393 -15.47 -7.55 -25.53
N THR B 394 -15.68 -6.94 -26.70
CA THR B 394 -17.00 -6.36 -26.96
C THR B 394 -18.03 -7.46 -27.14
N LEU B 395 -19.28 -7.15 -26.78
CA LEU B 395 -20.40 -8.03 -27.10
C LEU B 395 -20.37 -8.46 -28.57
N THR B 396 -20.67 -9.73 -28.81
CA THR B 396 -20.80 -10.23 -30.17
C THR B 396 -22.06 -11.07 -30.34
N SER B 397 -22.93 -11.14 -29.33
CA SER B 397 -24.14 -11.92 -29.43
C SER B 397 -25.03 -11.43 -30.57
N GLU B 398 -25.61 -12.40 -31.29
CA GLU B 398 -26.46 -12.05 -32.42
C GLU B 398 -27.53 -11.03 -32.02
N CYS B 399 -28.13 -11.20 -30.83
CA CYS B 399 -29.13 -10.25 -30.37
C CYS B 399 -28.53 -8.85 -30.22
N SER B 400 -27.37 -8.77 -29.56
CA SER B 400 -26.69 -7.48 -29.43
C SER B 400 -26.43 -6.85 -30.78
N ARG B 401 -26.07 -7.64 -31.79
CA ARG B 401 -25.77 -7.07 -33.10
C ARG B 401 -27.04 -6.56 -33.81
N LEU B 402 -28.12 -7.34 -33.83
CA LEU B 402 -29.22 -7.04 -34.75
C LEU B 402 -30.49 -6.46 -34.12
N CYS B 403 -30.64 -6.49 -32.79
CA CYS B 403 -31.88 -6.05 -32.14
C CYS B 403 -31.96 -4.52 -32.11
N ARG B 404 -32.38 -3.96 -33.24
CA ARG B 404 -32.39 -2.50 -33.39
C ARG B 404 -33.51 -1.84 -32.60
N ASN B 405 -34.76 -2.27 -32.79
CA ASN B 405 -35.91 -1.55 -32.22
C ASN B 405 -36.55 -2.38 -31.12
N GLY B 406 -36.08 -2.20 -29.91
CA GLY B 406 -36.51 -2.99 -28.77
C GLY B 406 -35.32 -3.32 -27.91
N TYR B 407 -35.42 -4.37 -27.09
CA TYR B 407 -34.37 -4.71 -26.16
C TYR B 407 -34.09 -6.20 -26.21
N CYS B 408 -32.91 -6.59 -25.72
CA CYS B 408 -32.55 -8.01 -25.62
C CYS B 408 -32.79 -8.52 -24.21
N THR B 409 -33.45 -9.66 -24.10
CA THR B 409 -33.51 -10.38 -22.84
C THR B 409 -32.18 -11.07 -22.58
N PRO B 410 -31.91 -11.47 -21.33
CA PRO B 410 -30.65 -12.18 -21.05
C PRO B 410 -30.49 -13.46 -21.84
N THR B 411 -31.56 -14.01 -22.40
CA THR B 411 -31.50 -15.23 -23.19
C THR B 411 -31.23 -14.98 -24.66
N GLY B 412 -31.35 -13.74 -25.13
CA GLY B 412 -31.15 -13.43 -26.53
C GLY B 412 -32.41 -13.25 -27.34
N LYS B 413 -33.59 -13.33 -26.71
CA LYS B 413 -34.84 -12.98 -27.39
C LYS B 413 -34.92 -11.47 -27.58
N CYS B 414 -35.21 -11.03 -28.80
CA CYS B 414 -35.36 -9.61 -29.09
C CYS B 414 -36.83 -9.22 -28.88
N CYS B 415 -37.05 -8.33 -27.93
CA CYS B 415 -38.37 -7.87 -27.53
C CYS B 415 -38.66 -6.52 -28.19
N CYS B 416 -39.68 -6.49 -29.04
CA CYS B 416 -39.92 -5.35 -29.91
C CYS B 416 -40.56 -4.18 -29.18
N SER B 417 -40.07 -2.98 -29.51
CA SER B 417 -40.79 -1.76 -29.15
C SER B 417 -42.16 -1.74 -29.83
N PRO B 418 -43.08 -0.90 -29.36
CA PRO B 418 -44.39 -0.81 -30.01
C PRO B 418 -44.30 -0.36 -31.46
N GLY B 419 -44.92 -1.14 -32.35
CA GLY B 419 -44.93 -0.81 -33.76
C GLY B 419 -43.93 -1.57 -34.59
N TRP B 420 -43.23 -2.52 -34.00
CA TRP B 420 -42.22 -3.30 -34.70
C TRP B 420 -42.49 -4.79 -34.48
N GLU B 421 -41.97 -5.58 -35.40
CA GLU B 421 -42.08 -7.03 -35.34
C GLU B 421 -40.96 -7.61 -36.20
N GLY B 422 -40.94 -8.94 -36.29
CA GLY B 422 -39.85 -9.62 -36.96
C GLY B 422 -38.85 -10.17 -35.97
N ASP B 423 -37.98 -11.05 -36.48
CA ASP B 423 -37.01 -11.75 -35.64
C ASP B 423 -36.12 -10.79 -34.86
N PHE B 424 -35.80 -9.64 -35.44
CA PHE B 424 -34.96 -8.68 -34.74
C PHE B 424 -35.64 -7.31 -34.70
N CYS B 425 -36.97 -7.31 -34.76
CA CYS B 425 -37.76 -6.08 -34.65
C CYS B 425 -37.36 -5.08 -35.72
N ARG B 426 -37.11 -5.58 -36.93
CA ARG B 426 -36.73 -4.74 -38.05
C ARG B 426 -37.89 -4.40 -38.99
N THR B 427 -39.01 -5.14 -38.88
CA THR B 427 -40.17 -4.94 -39.73
C THR B 427 -41.17 -4.03 -39.04
N ALA B 428 -41.44 -2.88 -39.62
CA ALA B 428 -42.37 -1.94 -39.02
C ALA B 428 -43.81 -2.37 -39.30
N LYS B 429 -44.70 -2.04 -38.35
CA LYS B 429 -46.13 -2.35 -38.45
C LYS B 429 -46.91 -1.11 -38.85
N CYS B 430 -47.88 -1.27 -39.74
CA CYS B 430 -48.72 -0.17 -40.18
C CYS B 430 -50.18 -0.52 -40.01
N GLU B 431 -50.89 0.21 -39.17
CA GLU B 431 -52.34 0.06 -39.02
C GLU B 431 -52.99 1.44 -39.15
N PRO B 432 -53.82 1.68 -40.18
CA PRO B 432 -54.17 0.67 -41.19
C PRO B 432 -53.06 0.36 -42.19
N ALA B 433 -53.25 -0.73 -42.94
CA ALA B 433 -52.20 -1.23 -43.79
C ALA B 433 -51.94 -0.28 -44.96
N CYS B 434 -50.71 -0.28 -45.43
CA CYS B 434 -50.39 0.41 -46.66
C CYS B 434 -51.11 -0.30 -47.80
N ARG B 435 -51.52 0.48 -48.80
CA ARG B 435 -52.29 0.00 -49.93
C ARG B 435 -51.49 0.19 -51.20
N HIS B 436 -52.01 -0.40 -52.29
CA HIS B 436 -51.50 -0.20 -53.64
C HIS B 436 -49.98 -0.42 -53.70
N GLY B 437 -49.53 -1.49 -53.06
CA GLY B 437 -48.13 -1.84 -53.05
C GLY B 437 -47.23 -1.01 -52.15
N GLY B 438 -47.77 -0.08 -51.37
CA GLY B 438 -46.92 0.68 -50.49
C GLY B 438 -46.17 -0.19 -49.50
N VAL B 439 -45.07 0.34 -48.97
CA VAL B 439 -44.22 -0.38 -48.03
C VAL B 439 -44.30 0.31 -46.68
N CYS B 440 -44.51 -0.45 -45.62
CA CYS B 440 -44.48 0.08 -44.27
C CYS B 440 -43.02 0.27 -43.84
N VAL B 441 -42.60 1.53 -43.79
CA VAL B 441 -41.19 1.92 -43.59
C VAL B 441 -40.87 2.15 -42.12
N ARG B 442 -41.72 2.89 -41.43
CA ARG B 442 -41.65 3.11 -39.99
C ARG B 442 -43.02 2.78 -39.44
N PRO B 443 -43.17 2.67 -38.11
CA PRO B 443 -44.51 2.43 -37.55
C PRO B 443 -45.50 3.44 -38.12
N ASN B 444 -46.50 2.95 -38.86
CA ASN B 444 -47.58 3.76 -39.42
C ASN B 444 -47.08 4.84 -40.38
N LYS B 445 -45.94 4.61 -41.04
CA LYS B 445 -45.46 5.47 -42.11
C LYS B 445 -45.29 4.64 -43.37
N CYS B 446 -46.03 5.00 -44.43
CA CYS B 446 -46.08 4.23 -45.68
C CYS B 446 -45.35 4.96 -46.78
N LEU B 447 -44.40 4.27 -47.39
CA LEU B 447 -43.78 4.74 -48.61
C LEU B 447 -44.64 4.28 -49.77
N CYS B 448 -45.21 5.23 -50.51
CA CYS B 448 -46.16 4.94 -51.58
C CYS B 448 -45.46 4.77 -52.92
N LYS B 449 -46.03 3.92 -53.77
CA LYS B 449 -45.64 3.88 -55.18
C LYS B 449 -46.22 5.08 -55.92
N LYS B 450 -45.47 5.54 -56.93
CA LYS B 450 -45.92 6.66 -57.77
C LYS B 450 -47.32 6.43 -58.31
N GLY B 451 -48.20 7.41 -58.07
CA GLY B 451 -49.59 7.34 -58.47
C GLY B 451 -50.56 7.17 -57.33
N TYR B 452 -50.06 6.98 -56.11
CA TYR B 452 -50.92 6.74 -54.96
C TYR B 452 -50.52 7.66 -53.81
N LEU B 453 -51.52 8.29 -53.20
CA LEU B 453 -51.31 9.34 -52.21
C LEU B 453 -52.05 8.98 -50.94
N GLY B 454 -51.77 9.73 -49.89
CA GLY B 454 -52.43 9.56 -48.63
C GLY B 454 -51.59 8.76 -47.65
N PRO B 455 -51.92 8.84 -46.36
CA PRO B 455 -51.09 8.19 -45.33
C PRO B 455 -50.98 6.69 -45.48
N GLN B 456 -51.91 6.01 -46.17
CA GLN B 456 -51.74 4.61 -46.49
C GLN B 456 -51.77 4.36 -47.99
N CYS B 457 -51.44 5.37 -48.81
CA CYS B 457 -51.43 5.24 -50.27
C CYS B 457 -52.79 4.81 -50.81
N GLU B 458 -53.86 5.24 -50.15
CA GLU B 458 -55.20 4.76 -50.51
C GLU B 458 -55.83 5.58 -51.62
N GLN B 459 -55.33 6.79 -51.88
CA GLN B 459 -55.91 7.68 -52.87
C GLN B 459 -55.21 7.52 -54.22
N VAL B 460 -56.00 7.34 -55.27
CA VAL B 460 -55.49 7.18 -56.62
C VAL B 460 -55.40 8.55 -57.28
N ASP B 461 -54.25 8.84 -57.88
CA ASP B 461 -54.08 10.10 -58.58
C ASP B 461 -54.64 9.99 -60.00
#